data_9EXG
#
_entry.id   9EXG
#
_cell.length_a   46.496
_cell.length_b   94.289
_cell.length_c   269.026
_cell.angle_alpha   90
_cell.angle_beta   90
_cell.angle_gamma   90
#
_symmetry.space_group_name_H-M   'P 21 21 21'
#
loop_
_entity.id
_entity.type
_entity.pdbx_description
1 polymer 'Clathrin heavy chain'
2 polymer Epsin-2
3 non-polymer GLYCEROL
4 non-polymer 'PHOSPHATE ION'
5 water water
#
loop_
_entity_poly.entity_id
_entity_poly.type
_entity_poly.pdbx_seq_one_letter_code
_entity_poly.pdbx_strand_id
1 'polypeptide(L)'
;GAMAMSDLPIEFTELVDLMSLGISPQFLDFRSTTFESDHFVTVRETKDGTNSVAIVDLAKGNEVTRKNMGGDSAIMHPSQ
MVISVRANGTIVQIFNLETKSKLKSFTLDEPVIFWRWLSETTLGFVTARSILTSNVFDGNVNAKPQLLTLRHANLNNTQI
INFVANKNLDWFAVVGILQENGRIAGRIQLFSKQRNISQAIDGHVAIFTNILLEGNGSTPVQVFVTGNRNATTGAGELRI
IEIDHDASLPSQYQKETTDIFFPPDATNDFPIAVQVSEKYGIIYLLTKYGFIHLYELETGTNLFVNRITAESVFTAAPYN
HENGIACINKKGQVLAVEISTSQIVPYILNKLSNVALALIVATRGGLPGADDL
;
A,B,C
2 'polypeptide(L)' GVSLIDL D,E,F,G,H,I,J,L,M
#
loop_
_chem_comp.id
_chem_comp.type
_chem_comp.name
_chem_comp.formula
GOL non-polymer GLYCEROL 'C3 H8 O3'
PO4 non-polymer 'PHOSPHATE ION' 'O4 P -3'
#
# COMPACT_ATOMS: atom_id res chain seq x y z
N ALA A 2 14.37 0.60 -35.35
CA ALA A 2 14.62 -0.51 -34.40
C ALA A 2 15.13 0.09 -33.10
N MET A 3 14.69 -0.50 -32.00
CA MET A 3 15.06 0.01 -30.69
C MET A 3 16.15 -0.86 -30.06
N ALA A 4 17.19 -0.20 -29.54
CA ALA A 4 18.35 -0.88 -28.97
C ALA A 4 17.99 -1.58 -27.65
N MET A 5 18.71 -2.66 -27.32
CA MET A 5 18.32 -3.50 -26.19
C MET A 5 18.41 -2.75 -24.85
N SER A 6 19.36 -1.82 -24.75
CA SER A 6 19.59 -1.01 -23.57
C SER A 6 18.44 -0.05 -23.26
N ASP A 7 17.53 0.19 -24.23
CA ASP A 7 16.41 1.10 -24.09
C ASP A 7 15.11 0.39 -23.74
N LEU A 8 15.13 -0.95 -23.66
CA LEU A 8 13.90 -1.71 -23.59
C LEU A 8 13.58 -2.07 -22.14
N PRO A 9 12.28 -2.30 -21.82
CA PRO A 9 11.87 -2.88 -20.56
C PRO A 9 11.88 -4.40 -20.57
N ILE A 10 12.33 -5.02 -21.69
CA ILE A 10 12.31 -6.45 -21.86
C ILE A 10 13.71 -6.96 -22.25
N GLU A 11 13.93 -8.27 -22.12
CA GLU A 11 15.09 -8.99 -22.57
C GLU A 11 14.53 -9.90 -23.66
N PHE A 12 15.18 -9.81 -24.81
CA PHE A 12 14.72 -10.47 -26.02
C PHE A 12 15.82 -11.46 -26.43
N THR A 13 15.47 -12.73 -26.67
CA THR A 13 16.46 -13.74 -26.98
C THR A 13 15.91 -14.73 -27.98
N GLU A 14 16.80 -15.38 -28.73
CA GLU A 14 16.41 -16.52 -29.54
C GLU A 14 16.87 -17.78 -28.81
N LEU A 15 15.96 -18.72 -28.55
CA LEU A 15 16.30 -19.95 -27.85
C LEU A 15 16.90 -20.99 -28.78
N VAL A 16 16.33 -21.09 -29.98
CA VAL A 16 16.78 -22.06 -30.98
C VAL A 16 16.22 -21.65 -32.34
N ASP A 17 16.91 -22.04 -33.43
CA ASP A 17 16.37 -21.88 -34.77
C ASP A 17 16.16 -23.28 -35.35
N LEU A 18 14.90 -23.70 -35.54
CA LEU A 18 14.62 -25.06 -35.99
C LEU A 18 15.15 -25.39 -37.38
N MET A 19 15.16 -24.40 -38.28
CA MET A 19 15.71 -24.63 -39.62
C MET A 19 17.22 -24.84 -39.54
N SER A 20 17.86 -24.27 -38.51
CA SER A 20 19.30 -24.45 -38.31
C SER A 20 19.61 -25.90 -37.98
N LEU A 21 18.61 -26.62 -37.44
CA LEU A 21 18.73 -27.99 -36.99
C LEU A 21 18.27 -28.97 -38.06
N GLY A 22 17.92 -28.46 -39.26
CA GLY A 22 17.61 -29.30 -40.40
C GLY A 22 16.09 -29.52 -40.55
N ILE A 23 15.27 -28.77 -39.81
CA ILE A 23 13.83 -28.97 -39.90
C ILE A 23 13.32 -28.27 -41.16
N SER A 24 12.56 -29.00 -41.99
CA SER A 24 11.99 -28.47 -43.22
C SER A 24 10.90 -27.48 -42.87
N PRO A 25 10.74 -26.37 -43.63
CA PRO A 25 9.62 -25.46 -43.42
C PRO A 25 8.25 -26.10 -43.62
N GLN A 26 8.20 -27.23 -44.32
CA GLN A 26 6.96 -27.98 -44.52
C GLN A 26 6.33 -28.43 -43.18
N PHE A 27 7.11 -28.56 -42.11
CA PHE A 27 6.64 -29.02 -40.83
C PHE A 27 6.55 -27.90 -39.79
N LEU A 28 6.86 -26.64 -40.17
CA LEU A 28 6.82 -25.51 -39.25
C LEU A 28 5.40 -24.94 -39.25
N ASP A 29 4.49 -25.69 -38.66
CA ASP A 29 3.10 -25.30 -38.63
C ASP A 29 2.45 -25.79 -37.33
N PHE A 30 1.26 -25.26 -37.03
CA PHE A 30 0.61 -25.46 -35.74
C PHE A 30 0.41 -26.93 -35.38
N ARG A 31 0.07 -27.76 -36.37
CA ARG A 31 -0.23 -29.16 -36.10
C ARG A 31 1.01 -30.04 -36.00
N SER A 32 2.13 -29.58 -36.56
CA SER A 32 3.34 -30.39 -36.70
C SER A 32 4.40 -30.03 -35.67
N THR A 33 4.59 -28.72 -35.40
CA THR A 33 5.65 -28.25 -34.53
C THR A 33 5.01 -27.73 -33.25
N THR A 34 4.99 -28.55 -32.18
CA THR A 34 4.22 -28.25 -30.99
C THR A 34 5.10 -27.74 -29.88
N PHE A 35 4.54 -26.90 -29.00
CA PHE A 35 5.28 -26.13 -28.02
C PHE A 35 4.43 -25.92 -26.77
N GLU A 36 4.67 -26.74 -25.75
CA GLU A 36 3.86 -26.71 -24.53
C GLU A 36 4.52 -25.83 -23.47
N SER A 37 5.84 -25.66 -23.59
CA SER A 37 6.69 -24.91 -22.66
C SER A 37 8.01 -24.65 -23.36
N ASP A 38 8.82 -23.79 -22.75
CA ASP A 38 10.16 -23.52 -23.28
C ASP A 38 11.16 -24.64 -23.02
N HIS A 39 10.75 -25.78 -22.43
CA HIS A 39 11.64 -26.91 -22.22
C HIS A 39 11.91 -27.71 -23.50
N PHE A 40 10.91 -27.82 -24.36
CA PHE A 40 10.98 -28.70 -25.52
C PHE A 40 10.20 -28.12 -26.69
N VAL A 41 10.65 -28.49 -27.92
CA VAL A 41 9.86 -28.37 -29.11
C VAL A 41 9.77 -29.77 -29.71
N THR A 42 8.60 -30.18 -30.20
CA THR A 42 8.38 -31.50 -30.78
C THR A 42 7.97 -31.28 -32.24
N VAL A 43 8.81 -31.71 -33.19
CA VAL A 43 8.52 -31.59 -34.61
C VAL A 43 8.13 -32.96 -35.20
N ARG A 44 6.86 -33.09 -35.63
CA ARG A 44 6.42 -34.25 -36.39
C ARG A 44 6.86 -34.10 -37.83
N GLU A 45 7.62 -35.09 -38.32
CA GLU A 45 8.07 -35.13 -39.71
C GLU A 45 7.49 -36.41 -40.31
N THR A 46 7.33 -36.39 -41.63
CA THR A 46 6.90 -37.56 -42.38
C THR A 46 7.80 -37.69 -43.60
N LYS A 47 8.17 -38.93 -43.95
CA LYS A 47 8.92 -39.20 -45.18
C LYS A 47 8.61 -40.63 -45.63
N ASP A 48 8.22 -40.80 -46.90
CA ASP A 48 7.96 -42.11 -47.48
C ASP A 48 6.92 -42.90 -46.68
N GLY A 49 5.88 -42.22 -46.16
CA GLY A 49 4.79 -42.87 -45.46
C GLY A 49 5.11 -43.26 -44.01
N THR A 50 6.28 -42.81 -43.48
CA THR A 50 6.65 -43.08 -42.09
CA THR A 50 6.67 -43.08 -42.10
C THR A 50 6.82 -41.79 -41.28
N ASN A 51 6.15 -41.74 -40.12
C ASN A 51 7.43 -40.67 -38.35
N SER A 52 7.91 -39.53 -37.86
CA SER A 52 8.93 -39.48 -36.82
C SER A 52 8.71 -38.22 -35.99
N VAL A 53 9.34 -38.16 -34.82
CA VAL A 53 9.38 -36.95 -34.02
C VAL A 53 10.85 -36.56 -33.80
N ALA A 54 11.13 -35.27 -33.93
CA ALA A 54 12.37 -34.68 -33.47
C ALA A 54 12.05 -33.89 -32.20
N ILE A 55 12.56 -34.34 -31.06
CA ILE A 55 12.40 -33.66 -29.79
C ILE A 55 13.62 -32.79 -29.52
N VAL A 56 13.41 -31.47 -29.52
CA VAL A 56 14.45 -30.50 -29.25
C VAL A 56 14.40 -30.13 -27.77
N ASP A 57 15.47 -30.47 -27.02
CA ASP A 57 15.55 -30.17 -25.59
C ASP A 57 16.24 -28.83 -25.39
N LEU A 58 15.42 -27.78 -25.19
CA LEU A 58 15.95 -26.43 -25.03
C LEU A 58 16.74 -26.29 -23.72
N ALA A 59 16.49 -27.20 -22.76
CA ALA A 59 17.18 -27.17 -21.46
C ALA A 59 18.53 -27.86 -21.51
N LYS A 60 18.80 -28.66 -22.56
CA LYS A 60 20.07 -29.34 -22.76
C LYS A 60 20.74 -28.96 -24.08
N GLY A 61 20.99 -27.65 -24.27
CA GLY A 61 21.76 -27.18 -25.41
C GLY A 61 21.14 -27.53 -26.77
N ASN A 62 19.79 -27.61 -26.84
CA ASN A 62 19.07 -27.84 -28.08
C ASN A 62 19.35 -29.23 -28.64
N GLU A 63 19.68 -30.17 -27.75
CA GLU A 63 19.93 -31.54 -28.15
C GLU A 63 18.66 -32.12 -28.80
N VAL A 64 18.86 -32.81 -29.94
CA VAL A 64 17.75 -33.38 -30.71
C VAL A 64 17.71 -34.88 -30.49
N THR A 65 16.53 -35.40 -30.10
CA THR A 65 16.28 -36.83 -30.01
C THR A 65 15.26 -37.16 -31.09
N ARG A 66 15.60 -38.08 -31.98
CA ARG A 66 14.71 -38.46 -33.08
C ARG A 66 14.21 -39.89 -32.86
N LYS A 67 12.90 -40.08 -33.00
CA LYS A 67 12.29 -41.40 -32.87
C LYS A 67 11.23 -41.58 -33.96
N ASN A 68 11.22 -42.75 -34.60
CA ASN A 68 10.13 -43.12 -35.49
C ASN A 68 8.87 -43.29 -34.65
N MET A 69 7.70 -43.01 -35.23
CA MET A 69 6.44 -43.24 -34.55
C MET A 69 5.33 -43.61 -35.53
N GLY A 70 4.45 -44.52 -35.09
CA GLY A 70 3.24 -44.86 -35.81
C GLY A 70 2.19 -43.78 -35.65
N GLY A 71 2.29 -43.01 -34.56
CA GLY A 71 1.34 -41.97 -34.27
C GLY A 71 1.49 -40.82 -35.26
N ASP A 72 0.53 -39.90 -35.24
CA ASP A 72 0.49 -38.82 -36.24
C ASP A 72 0.52 -37.47 -35.55
N SER A 73 0.59 -37.44 -34.22
CA SER A 73 0.63 -36.18 -33.48
C SER A 73 1.30 -36.42 -32.14
N ALA A 74 2.06 -35.43 -31.65
CA ALA A 74 2.82 -35.61 -30.41
C ALA A 74 3.11 -34.28 -29.73
N ILE A 75 3.10 -34.30 -28.38
CA ILE A 75 3.52 -33.16 -27.57
C ILE A 75 4.38 -33.68 -26.42
N MET A 76 5.29 -32.81 -25.93
CA MET A 76 6.04 -33.08 -24.72
C MET A 76 5.36 -32.40 -23.53
N HIS A 77 5.63 -32.92 -22.34
CA HIS A 77 5.22 -32.30 -21.11
C HIS A 77 5.95 -30.99 -20.88
N PRO A 78 5.42 -30.09 -20.02
CA PRO A 78 6.08 -28.83 -19.74
C PRO A 78 7.49 -28.95 -19.16
N SER A 79 7.79 -30.02 -18.41
CA SER A 79 9.05 -30.06 -17.68
C SER A 79 9.71 -31.43 -17.67
N GLN A 80 8.97 -32.52 -17.86
CA GLN A 80 9.50 -33.88 -17.73
C GLN A 80 9.61 -34.54 -19.10
N MET A 81 10.42 -35.58 -19.16
CA MET A 81 10.70 -36.33 -20.40
C MET A 81 9.57 -37.33 -20.68
N VAL A 82 8.38 -36.78 -20.91
CA VAL A 82 7.14 -37.53 -21.02
C VAL A 82 6.48 -37.09 -22.31
N ILE A 83 6.29 -38.03 -23.24
CA ILE A 83 5.68 -37.73 -24.53
C ILE A 83 4.26 -38.29 -24.60
N SER A 84 3.38 -37.56 -25.26
CA SER A 84 1.99 -37.98 -25.48
C SER A 84 1.82 -38.10 -26.99
N VAL A 85 1.44 -39.30 -27.45
CA VAL A 85 1.29 -39.60 -28.86
C VAL A 85 -0.14 -40.08 -29.11
N ARG A 86 -0.71 -39.70 -30.28
CA ARG A 86 -2.02 -40.18 -30.68
C ARG A 86 -1.98 -40.67 -32.13
N ALA A 87 -2.86 -41.61 -32.46
CA ALA A 87 -2.99 -42.20 -33.77
C ALA A 87 -4.47 -42.31 -34.13
N ASN A 88 -4.79 -41.85 -35.35
CA ASN A 88 -6.14 -41.95 -35.91
C ASN A 88 -7.15 -41.24 -34.99
N GLY A 89 -6.70 -40.25 -34.22
CA GLY A 89 -7.50 -39.44 -33.30
C GLY A 89 -7.99 -40.20 -32.06
N THR A 90 -8.08 -41.53 -32.10
CA THR A 90 -8.75 -42.26 -31.03
C THR A 90 -7.76 -42.91 -30.06
N ILE A 91 -6.63 -43.39 -30.56
CA ILE A 91 -5.67 -44.13 -29.76
C ILE A 91 -4.66 -43.15 -29.17
N VAL A 92 -4.51 -43.16 -27.85
CA VAL A 92 -3.61 -42.23 -27.16
C VAL A 92 -2.69 -43.02 -26.24
N GLN A 93 -1.38 -42.71 -26.26
CA GLN A 93 -0.46 -43.33 -25.30
C GLN A 93 0.47 -42.23 -24.80
N ILE A 94 0.86 -42.34 -23.54
CA ILE A 94 1.73 -41.36 -22.90
C ILE A 94 2.84 -42.17 -22.24
N PHE A 95 4.10 -41.84 -22.57
CA PHE A 95 5.25 -42.60 -22.13
C PHE A 95 6.28 -41.70 -21.43
N ASN A 96 6.85 -42.21 -20.35
CA ASN A 96 8.05 -41.65 -19.77
C ASN A 96 9.20 -42.20 -20.60
N LEU A 97 9.88 -41.34 -21.36
CA LEU A 97 10.96 -41.78 -22.24
C LEU A 97 12.19 -42.27 -21.47
N GLU A 98 12.33 -41.86 -20.20
CA GLU A 98 13.47 -42.26 -19.37
C GLU A 98 13.32 -43.69 -18.88
N THR A 99 12.14 -44.10 -18.44
CA THR A 99 11.89 -45.45 -17.94
C THR A 99 11.31 -46.34 -19.05
N LYS A 100 10.86 -45.73 -20.15
CA LYS A 100 10.13 -46.40 -21.22
C LYS A 100 8.79 -46.93 -20.70
N SER A 101 8.28 -46.34 -19.62
CA SER A 101 7.07 -46.79 -18.95
C SER A 101 5.86 -46.05 -19.50
N LYS A 102 4.72 -46.74 -19.57
CA LYS A 102 3.50 -46.18 -20.11
C LYS A 102 2.69 -45.63 -18.94
N LEU A 103 2.37 -44.34 -19.01
CA LEU A 103 1.60 -43.68 -17.97
C LEU A 103 0.12 -43.81 -18.24
N LYS A 104 -0.24 -43.69 -19.52
CA LYS A 104 -1.61 -43.76 -19.98
C LYS A 104 -1.64 -44.48 -21.33
N SER A 105 -2.70 -45.26 -21.53
CA SER A 105 -2.96 -45.96 -22.79
C SER A 105 -4.47 -46.23 -22.86
N PHE A 106 -5.16 -45.59 -23.82
CA PHE A 106 -6.61 -45.73 -23.91
C PHE A 106 -7.07 -45.40 -25.33
N THR A 107 -8.32 -45.76 -25.65
CA THR A 107 -8.94 -45.41 -26.91
C THR A 107 -10.19 -44.60 -26.60
N LEU A 108 -10.28 -43.39 -27.18
CA LEU A 108 -11.45 -42.57 -27.04
C LEU A 108 -12.52 -43.01 -28.04
N ASP A 109 -13.78 -42.68 -27.74
CA ASP A 109 -14.91 -43.03 -28.59
C ASP A 109 -15.03 -42.01 -29.72
N GLU A 110 -14.56 -40.78 -29.47
CA GLU A 110 -14.62 -39.67 -30.42
C GLU A 110 -13.16 -39.22 -30.60
N PRO A 111 -12.69 -38.94 -31.84
CA PRO A 111 -11.32 -38.48 -32.05
C PRO A 111 -10.95 -37.22 -31.27
N VAL A 112 -9.72 -37.21 -30.73
CA VAL A 112 -9.08 -36.02 -30.16
C VAL A 112 -8.70 -35.14 -31.34
N ILE A 113 -9.10 -33.84 -31.33
CA ILE A 113 -8.71 -32.91 -32.38
C ILE A 113 -7.78 -31.83 -31.83
N PHE A 114 -7.67 -31.71 -30.51
CA PHE A 114 -6.77 -30.76 -29.90
C PHE A 114 -6.38 -31.28 -28.51
N TRP A 115 -5.14 -31.07 -28.09
CA TRP A 115 -4.76 -31.35 -26.72
C TRP A 115 -3.70 -30.37 -26.24
N ARG A 116 -3.61 -30.21 -24.93
CA ARG A 116 -2.71 -29.24 -24.32
C ARG A 116 -2.55 -29.55 -22.83
N TRP A 117 -1.31 -29.52 -22.34
CA TRP A 117 -1.07 -29.66 -20.90
C TRP A 117 -1.72 -28.49 -20.14
N LEU A 118 -2.54 -28.80 -19.12
CA LEU A 118 -3.22 -27.81 -18.30
C LEU A 118 -2.42 -27.49 -17.03
N SER A 119 -1.67 -28.46 -16.54
CA SER A 119 -0.84 -28.36 -15.34
C SER A 119 0.32 -29.33 -15.49
N GLU A 120 1.18 -29.41 -14.47
CA GLU A 120 2.20 -30.45 -14.42
C GLU A 120 1.63 -31.87 -14.33
N THR A 121 0.36 -32.03 -13.88
CA THR A 121 -0.23 -33.34 -13.73
C THR A 121 -1.28 -33.66 -14.80
N THR A 122 -1.90 -32.63 -15.38
CA THR A 122 -3.13 -32.83 -16.12
C THR A 122 -3.03 -32.44 -17.58
N LEU A 123 -3.43 -33.35 -18.45
CA LEU A 123 -3.52 -33.17 -19.89
C LEU A 123 -4.98 -32.93 -20.30
N GLY A 124 -5.21 -31.88 -21.10
CA GLY A 124 -6.55 -31.53 -21.58
C GLY A 124 -6.75 -32.05 -23.00
N PHE A 125 -7.96 -32.53 -23.31
CA PHE A 125 -8.31 -33.08 -24.61
C PHE A 125 -9.60 -32.42 -25.11
N VAL A 126 -9.69 -32.12 -26.40
CA VAL A 126 -10.91 -31.62 -27.03
C VAL A 126 -11.22 -32.50 -28.24
N THR A 127 -12.47 -32.97 -28.32
CA THR A 127 -12.98 -33.72 -29.45
C THR A 127 -13.90 -32.80 -30.24
N ALA A 128 -14.55 -33.32 -31.28
CA ALA A 128 -15.51 -32.52 -32.02
C ALA A 128 -16.68 -32.05 -31.14
N ARG A 129 -16.99 -32.79 -30.06
CA ARG A 129 -18.19 -32.52 -29.25
C ARG A 129 -17.90 -32.31 -27.77
N SER A 130 -16.73 -32.76 -27.26
CA SER A 130 -16.48 -32.83 -25.83
CA SER A 130 -16.49 -32.79 -25.83
C SER A 130 -15.12 -32.27 -25.43
N ILE A 131 -15.00 -31.98 -24.12
CA ILE A 131 -13.78 -31.52 -23.50
C ILE A 131 -13.49 -32.46 -22.35
N LEU A 132 -12.27 -33.02 -22.22
CA LEU A 132 -11.92 -34.03 -21.23
C LEU A 132 -10.56 -33.67 -20.59
N THR A 133 -10.27 -34.26 -19.42
CA THR A 133 -8.96 -34.09 -18.80
C THR A 133 -8.54 -35.44 -18.22
N SER A 134 -7.22 -35.65 -18.15
CA SER A 134 -6.61 -36.82 -17.56
C SER A 134 -5.52 -36.40 -16.57
N ASN A 135 -5.55 -36.92 -15.35
CA ASN A 135 -4.41 -36.84 -14.44
C ASN A 135 -3.45 -37.96 -14.85
N VAL A 136 -2.48 -37.57 -15.67
CA VAL A 136 -1.64 -38.55 -16.36
C VAL A 136 -0.74 -39.30 -15.37
N PHE A 137 -0.51 -38.75 -14.17
CA PHE A 137 0.40 -39.34 -13.19
C PHE A 137 -0.33 -40.08 -12.08
N ASP A 138 -1.63 -40.39 -12.26
CA ASP A 138 -2.39 -41.00 -11.16
C ASP A 138 -2.18 -42.50 -11.08
N GLY A 139 -1.52 -43.12 -12.08
CA GLY A 139 -1.14 -44.52 -11.97
C GLY A 139 -2.18 -45.46 -12.58
N ASN A 140 -3.32 -44.92 -13.04
CA ASN A 140 -4.42 -45.70 -13.60
C ASN A 140 -4.25 -45.68 -15.13
N VAL A 141 -3.38 -46.58 -15.63
CA VAL A 141 -2.85 -46.47 -16.98
C VAL A 141 -3.97 -46.53 -18.01
N ASN A 142 -4.97 -47.42 -17.76
CA ASN A 142 -5.95 -47.71 -18.81
C ASN A 142 -7.21 -46.87 -18.68
N ALA A 143 -7.26 -45.94 -17.73
CA ALA A 143 -8.45 -45.14 -17.52
C ALA A 143 -8.56 -44.10 -18.63
N LYS A 144 -9.75 -43.99 -19.23
CA LYS A 144 -9.98 -42.94 -20.22
C LYS A 144 -9.99 -41.58 -19.53
N PRO A 145 -9.71 -40.46 -20.22
CA PRO A 145 -9.89 -39.13 -19.63
C PRO A 145 -11.34 -38.91 -19.18
N GLN A 146 -11.50 -38.18 -18.08
CA GLN A 146 -12.81 -37.87 -17.54
C GLN A 146 -13.41 -36.69 -18.29
N LEU A 147 -14.69 -36.81 -18.66
CA LEU A 147 -15.40 -35.72 -19.28
C LEU A 147 -15.32 -34.50 -18.36
N LEU A 148 -15.05 -33.34 -18.94
CA LEU A 148 -15.15 -32.08 -18.21
C LEU A 148 -16.51 -31.47 -18.50
N THR A 149 -16.79 -31.25 -19.79
CA THR A 149 -18.10 -30.75 -20.20
C THR A 149 -18.22 -30.93 -21.70
N LEU A 150 -19.43 -30.76 -22.23
CA LEU A 150 -19.60 -30.67 -23.68
C LEU A 150 -19.06 -29.33 -24.18
N ARG A 151 -18.65 -29.29 -25.46
CA ARG A 151 -18.35 -28.03 -26.11
C ARG A 151 -19.62 -27.19 -26.27
N HIS A 152 -19.50 -25.88 -26.08
CA HIS A 152 -20.51 -24.88 -26.34
C HIS A 152 -20.69 -24.76 -27.85
N ALA A 153 -21.91 -24.45 -28.28
CA ALA A 153 -22.23 -24.19 -29.68
C ALA A 153 -21.38 -23.07 -30.30
N ASN A 154 -20.86 -22.15 -29.49
CA ASN A 154 -20.07 -21.04 -30.05
C ASN A 154 -18.77 -21.48 -30.68
N LEU A 155 -18.31 -22.63 -30.22
CA LEU A 155 -17.09 -23.20 -30.75
C LEU A 155 -17.36 -24.05 -31.99
N ASN A 156 -18.62 -24.10 -32.44
CA ASN A 156 -18.96 -24.89 -33.63
C ASN A 156 -18.18 -24.31 -34.83
N ASN A 157 -17.64 -25.21 -35.65
CA ASN A 157 -16.97 -24.84 -36.90
C ASN A 157 -15.73 -23.97 -36.66
N THR A 158 -15.11 -24.07 -35.47
CA THR A 158 -13.87 -23.36 -35.18
C THR A 158 -12.69 -24.33 -35.28
N GLN A 159 -11.48 -23.75 -35.45
CA GLN A 159 -10.24 -24.47 -35.19
C GLN A 159 -9.89 -24.26 -33.73
N ILE A 160 -9.90 -25.32 -32.92
CA ILE A 160 -9.51 -25.21 -31.52
C ILE A 160 -7.98 -24.97 -31.44
N ILE A 161 -7.58 -23.90 -30.75
CA ILE A 161 -6.17 -23.49 -30.73
C ILE A 161 -5.60 -23.37 -29.32
N ASN A 162 -6.44 -23.43 -28.26
CA ASN A 162 -5.90 -23.44 -26.91
C ASN A 162 -6.88 -24.00 -25.91
N PHE A 163 -6.34 -24.46 -24.78
CA PHE A 163 -7.11 -25.02 -23.67
C PHE A 163 -6.31 -24.75 -22.40
N VAL A 164 -6.83 -23.90 -21.52
CA VAL A 164 -6.11 -23.44 -20.33
C VAL A 164 -6.97 -23.65 -19.08
N ALA A 165 -6.28 -23.61 -17.92
CA ALA A 165 -6.96 -23.88 -16.65
C ALA A 165 -6.28 -23.08 -15.55
N ASN A 166 -6.96 -22.91 -14.41
CA ASN A 166 -6.35 -22.30 -13.22
C ASN A 166 -5.60 -23.39 -12.48
N LYS A 167 -4.83 -22.99 -11.46
CA LYS A 167 -4.04 -23.94 -10.70
C LYS A 167 -4.94 -24.94 -9.98
N ASN A 168 -6.13 -24.48 -9.57
CA ASN A 168 -7.05 -25.30 -8.80
C ASN A 168 -7.71 -26.35 -9.70
N LEU A 169 -7.56 -26.24 -11.01
CA LEU A 169 -8.22 -27.11 -11.98
C LEU A 169 -9.74 -27.14 -11.71
N ASP A 170 -10.34 -25.97 -11.50
CA ASP A 170 -11.81 -25.90 -11.40
C ASP A 170 -12.37 -24.79 -12.30
N TRP A 171 -11.50 -24.05 -13.01
CA TRP A 171 -11.89 -23.08 -14.03
C TRP A 171 -11.06 -23.36 -15.28
N PHE A 172 -11.68 -23.26 -16.46
CA PHE A 172 -11.10 -23.69 -17.72
C PHE A 172 -11.54 -22.71 -18.82
N ALA A 173 -10.77 -22.62 -19.91
CA ALA A 173 -11.16 -21.90 -21.09
C ALA A 173 -10.65 -22.64 -22.33
N VAL A 174 -11.49 -22.79 -23.35
CA VAL A 174 -11.17 -23.42 -24.61
C VAL A 174 -11.36 -22.33 -25.66
N VAL A 175 -10.34 -22.16 -26.52
CA VAL A 175 -10.29 -21.11 -27.53
C VAL A 175 -10.41 -21.73 -28.92
N GLY A 176 -11.29 -21.19 -29.76
CA GLY A 176 -11.41 -21.58 -31.17
C GLY A 176 -11.38 -20.35 -32.07
N ILE A 177 -10.91 -20.47 -33.31
CA ILE A 177 -10.98 -19.36 -34.26
C ILE A 177 -11.73 -19.76 -35.52
N LEU A 178 -12.26 -18.77 -36.25
CA LEU A 178 -12.98 -19.04 -37.48
C LEU A 178 -12.88 -17.79 -38.35
N GLN A 179 -13.11 -17.98 -39.64
CA GLN A 179 -13.10 -16.88 -40.60
C GLN A 179 -14.43 -16.15 -40.49
N GLU A 180 -14.37 -14.82 -40.44
CA GLU A 180 -15.53 -13.95 -40.39
C GLU A 180 -15.13 -12.58 -40.90
N ASN A 181 -15.89 -12.05 -41.87
CA ASN A 181 -15.71 -10.69 -42.37
C ASN A 181 -14.30 -10.52 -42.98
N GLY A 182 -13.75 -11.59 -43.54
CA GLY A 182 -12.45 -11.51 -44.17
C GLY A 182 -11.30 -11.58 -43.16
N ARG A 183 -11.63 -11.83 -41.89
CA ARG A 183 -10.67 -11.78 -40.80
C ARG A 183 -10.78 -13.09 -40.02
N ILE A 184 -10.05 -13.19 -38.92
CA ILE A 184 -10.13 -14.32 -38.02
C ILE A 184 -10.79 -13.83 -36.73
N ALA A 185 -11.97 -14.39 -36.41
CA ALA A 185 -12.64 -14.10 -35.16
C ALA A 185 -12.26 -15.19 -34.15
N GLY A 186 -12.32 -14.85 -32.87
CA GLY A 186 -12.04 -15.79 -31.81
C GLY A 186 -13.29 -15.98 -30.92
N ARG A 187 -13.48 -17.19 -30.41
CA ARG A 187 -14.60 -17.61 -29.58
C ARG A 187 -14.00 -18.35 -28.39
N ILE A 188 -14.40 -18.05 -27.16
CA ILE A 188 -13.87 -18.74 -26.02
C ILE A 188 -15.04 -19.36 -25.23
N GLN A 189 -14.87 -20.59 -24.82
CA GLN A 189 -15.81 -21.22 -23.88
C GLN A 189 -15.15 -21.20 -22.52
N LEU A 190 -15.68 -20.42 -21.59
CA LEU A 190 -15.24 -20.40 -20.21
C LEU A 190 -16.06 -21.45 -19.44
N PHE A 191 -15.48 -22.15 -18.49
CA PHE A 191 -16.16 -23.23 -17.77
C PHE A 191 -15.77 -23.21 -16.30
N SER A 192 -16.80 -23.18 -15.42
CA SER A 192 -16.64 -23.37 -13.99
C SER A 192 -17.03 -24.80 -13.68
N LYS A 193 -16.12 -25.56 -13.10
CA LYS A 193 -16.36 -26.97 -12.81
C LYS A 193 -17.24 -27.07 -11.57
N GLN A 194 -17.12 -26.08 -10.66
CA GLN A 194 -17.88 -26.08 -9.42
C GLN A 194 -19.37 -26.02 -9.74
N ARG A 195 -19.77 -25.21 -10.72
CA ARG A 195 -21.16 -25.02 -11.08
C ARG A 195 -21.56 -25.88 -12.27
N ASN A 196 -20.56 -26.45 -12.96
CA ASN A 196 -20.71 -27.19 -14.20
C ASN A 196 -21.46 -26.37 -15.25
N ILE A 197 -21.06 -25.10 -15.40
CA ILE A 197 -21.72 -24.12 -16.25
C ILE A 197 -20.67 -23.46 -17.12
N SER A 198 -21.06 -23.22 -18.38
CA SER A 198 -20.15 -22.56 -19.33
C SER A 198 -20.68 -21.17 -19.69
N GLN A 199 -19.79 -20.27 -20.15
CA GLN A 199 -20.19 -19.00 -20.73
C GLN A 199 -19.40 -18.83 -22.02
N ALA A 200 -20.09 -18.38 -23.08
CA ALA A 200 -19.41 -18.13 -24.36
C ALA A 200 -19.04 -16.66 -24.43
N ILE A 201 -17.77 -16.35 -24.76
CA ILE A 201 -17.34 -14.98 -24.89
C ILE A 201 -16.58 -14.85 -26.22
N ASP A 202 -16.35 -13.62 -26.66
CA ASP A 202 -15.49 -13.38 -27.82
C ASP A 202 -14.05 -13.22 -27.33
N GLY A 203 -13.09 -13.87 -28.00
CA GLY A 203 -11.71 -13.69 -27.63
C GLY A 203 -10.81 -14.63 -28.43
N HIS A 204 -9.55 -14.20 -28.60
CA HIS A 204 -8.56 -14.99 -29.32
C HIS A 204 -7.57 -15.66 -28.36
N VAL A 205 -7.36 -15.09 -27.18
CA VAL A 205 -6.42 -15.58 -26.18
C VAL A 205 -7.07 -15.54 -24.78
N ALA A 206 -6.57 -16.44 -23.93
CA ALA A 206 -7.06 -16.63 -22.57
C ALA A 206 -6.01 -17.25 -21.68
N ILE A 207 -5.99 -16.82 -20.41
CA ILE A 207 -5.15 -17.42 -19.37
C ILE A 207 -5.76 -17.09 -18.00
N PHE A 208 -5.56 -17.99 -17.02
CA PHE A 208 -5.87 -17.74 -15.63
C PHE A 208 -4.59 -17.46 -14.87
N THR A 209 -4.65 -16.53 -13.92
CA THR A 209 -3.47 -16.17 -13.13
C THR A 209 -3.92 -15.70 -11.76
N ASN A 210 -2.97 -15.22 -10.96
CA ASN A 210 -3.21 -14.84 -9.59
C ASN A 210 -2.45 -13.57 -9.26
N ILE A 211 -2.96 -12.81 -8.28
CA ILE A 211 -2.36 -11.55 -7.90
C ILE A 211 -2.52 -11.32 -6.41
N LEU A 212 -1.43 -10.86 -5.78
CA LEU A 212 -1.43 -10.50 -4.38
C LEU A 212 -1.74 -9.02 -4.28
N LEU A 213 -2.86 -8.69 -3.62
CA LEU A 213 -3.31 -7.32 -3.45
C LEU A 213 -3.07 -6.89 -2.00
N GLU A 214 -2.79 -5.60 -1.81
CA GLU A 214 -2.65 -5.04 -0.48
C GLU A 214 -3.93 -5.29 0.31
N GLY A 215 -3.77 -5.77 1.54
CA GLY A 215 -4.90 -6.06 2.41
C GLY A 215 -5.20 -7.55 2.52
N ASN A 216 -4.78 -8.36 1.53
CA ASN A 216 -5.14 -9.77 1.45
C ASN A 216 -4.04 -10.66 2.01
N GLY A 217 -3.05 -10.04 2.66
CA GLY A 217 -1.91 -10.76 3.23
C GLY A 217 -1.14 -11.52 2.17
N SER A 218 -0.99 -12.83 2.40
CA SER A 218 -0.24 -13.69 1.50
C SER A 218 -1.18 -14.47 0.59
N THR A 219 -2.48 -14.14 0.62
CA THR A 219 -3.47 -14.88 -0.15
C THR A 219 -3.72 -14.17 -1.47
N PRO A 220 -3.36 -14.80 -2.62
CA PRO A 220 -3.68 -14.24 -3.92
C PRO A 220 -5.16 -14.30 -4.27
N VAL A 221 -5.59 -13.42 -5.17
CA VAL A 221 -6.93 -13.53 -5.74
C VAL A 221 -6.73 -14.01 -7.17
N GLN A 222 -7.76 -14.63 -7.77
CA GLN A 222 -7.66 -15.21 -9.09
C GLN A 222 -8.22 -14.24 -10.12
N VAL A 223 -7.52 -14.08 -11.26
CA VAL A 223 -8.04 -13.28 -12.36
C VAL A 223 -7.93 -14.07 -13.67
N PHE A 224 -8.91 -13.81 -14.55
CA PHE A 224 -8.92 -14.34 -15.89
C PHE A 224 -8.55 -13.20 -16.83
N VAL A 225 -7.57 -13.44 -17.71
CA VAL A 225 -7.04 -12.48 -18.68
C VAL A 225 -7.40 -12.95 -20.07
N THR A 226 -8.02 -12.07 -20.89
CA THR A 226 -8.46 -12.47 -22.20
C THR A 226 -8.30 -11.28 -23.14
N GLY A 227 -8.02 -11.59 -24.39
CA GLY A 227 -7.81 -10.55 -25.40
C GLY A 227 -8.59 -10.89 -26.67
N ASN A 228 -9.10 -9.87 -27.34
CA ASN A 228 -9.94 -10.03 -28.50
C ASN A 228 -9.65 -8.94 -29.52
N ARG A 229 -9.78 -9.25 -30.81
CA ARG A 229 -9.90 -8.24 -31.83
C ARG A 229 -11.23 -8.45 -32.54
N ASN A 230 -12.07 -7.43 -32.51
CA ASN A 230 -13.41 -7.48 -33.10
C ASN A 230 -13.27 -7.57 -34.62
N ALA A 231 -13.80 -8.64 -35.23
CA ALA A 231 -13.65 -8.86 -36.66
C ALA A 231 -14.46 -7.87 -37.51
N THR A 232 -15.47 -7.22 -36.91
CA THR A 232 -16.29 -6.25 -37.61
C THR A 232 -15.65 -4.86 -37.57
N THR A 233 -15.21 -4.42 -36.38
CA THR A 233 -14.75 -3.04 -36.17
C THR A 233 -13.23 -2.94 -36.28
N GLY A 234 -12.55 -4.03 -35.97
CA GLY A 234 -11.10 -4.05 -35.94
C GLY A 234 -10.57 -3.58 -34.58
N ALA A 235 -11.44 -3.24 -33.64
CA ALA A 235 -11.00 -2.79 -32.33
C ALA A 235 -10.48 -3.94 -31.45
N GLY A 236 -9.30 -3.74 -30.82
CA GLY A 236 -8.75 -4.73 -29.92
C GLY A 236 -9.00 -4.37 -28.46
N GLU A 237 -9.22 -5.37 -27.61
CA GLU A 237 -9.49 -5.15 -26.20
C GLU A 237 -8.98 -6.29 -25.32
N LEU A 238 -8.25 -5.93 -24.26
CA LEU A 238 -7.81 -6.81 -23.22
C LEU A 238 -8.73 -6.60 -22.03
N ARG A 239 -9.17 -7.68 -21.38
CA ARG A 239 -9.94 -7.61 -20.14
C ARG A 239 -9.28 -8.49 -19.08
N ILE A 240 -9.32 -8.01 -17.82
CA ILE A 240 -8.84 -8.76 -16.67
C ILE A 240 -9.95 -8.71 -15.63
N ILE A 241 -10.43 -9.85 -15.17
CA ILE A 241 -11.61 -9.92 -14.30
C ILE A 241 -11.37 -10.98 -13.23
N GLU A 242 -11.80 -10.67 -11.99
CA GLU A 242 -11.69 -11.61 -10.89
C GLU A 242 -12.66 -12.78 -11.06
N ILE A 243 -12.22 -13.95 -10.59
CA ILE A 243 -13.08 -15.12 -10.48
C ILE A 243 -13.03 -15.62 -9.05
N ASP A 244 -14.19 -16.05 -8.54
CA ASP A 244 -14.27 -16.76 -7.27
C ASP A 244 -13.63 -15.97 -6.13
N HIS A 245 -14.04 -14.71 -5.93
CA HIS A 245 -13.53 -13.89 -4.85
C HIS A 245 -13.88 -14.51 -3.49
N ASP A 246 -12.84 -14.70 -2.66
CA ASP A 246 -12.99 -15.24 -1.32
C ASP A 246 -13.47 -14.12 -0.42
N ALA A 247 -14.71 -14.26 0.11
CA ALA A 247 -15.34 -13.22 0.93
C ALA A 247 -14.52 -12.87 2.17
N SER A 248 -13.67 -13.79 2.63
CA SER A 248 -12.82 -13.53 3.79
C SER A 248 -11.73 -12.49 3.47
N LEU A 249 -11.47 -12.23 2.18
CA LEU A 249 -10.39 -11.35 1.76
C LEU A 249 -10.94 -9.93 1.60
N PRO A 250 -10.34 -8.90 2.23
CA PRO A 250 -10.91 -7.56 2.20
C PRO A 250 -10.79 -6.84 0.87
N SER A 251 -9.70 -7.10 0.13
CA SER A 251 -9.42 -6.39 -1.11
C SER A 251 -9.86 -7.19 -2.32
N GLN A 252 -10.59 -6.52 -3.22
CA GLN A 252 -11.07 -7.13 -4.43
C GLN A 252 -10.33 -6.55 -5.63
N TYR A 253 -10.26 -7.35 -6.70
CA TYR A 253 -9.65 -6.91 -7.95
C TYR A 253 -10.72 -6.22 -8.82
N GLN A 254 -10.57 -4.92 -9.11
CA GLN A 254 -11.53 -4.24 -9.97
C GLN A 254 -11.27 -4.65 -11.43
N LYS A 255 -12.35 -4.93 -12.17
CA LYS A 255 -12.21 -5.33 -13.56
C LYS A 255 -11.45 -4.24 -14.33
N GLU A 256 -10.53 -4.66 -15.19
CA GLU A 256 -9.70 -3.76 -15.98
C GLU A 256 -9.97 -4.04 -17.44
N THR A 257 -10.01 -2.98 -18.27
CA THR A 257 -10.17 -3.10 -19.71
C THR A 257 -9.17 -2.14 -20.34
N THR A 258 -8.39 -2.64 -21.30
CA THR A 258 -7.40 -1.83 -21.96
C THR A 258 -7.46 -2.12 -23.45
N ASP A 259 -7.16 -1.09 -24.26
CA ASP A 259 -7.02 -1.28 -25.70
CA ASP A 259 -7.02 -1.27 -25.70
C ASP A 259 -5.85 -2.19 -26.07
N ILE A 260 -6.03 -2.93 -27.18
CA ILE A 260 -4.94 -3.64 -27.82
C ILE A 260 -4.74 -2.94 -29.15
N PHE A 261 -3.62 -2.22 -29.28
CA PHE A 261 -3.42 -1.37 -30.42
C PHE A 261 -3.08 -2.20 -31.65
N PHE A 262 -3.68 -1.82 -32.79
CA PHE A 262 -3.31 -2.42 -34.07
C PHE A 262 -3.07 -1.28 -35.04
N PRO A 263 -1.91 -1.23 -35.74
CA PRO A 263 -1.64 -0.15 -36.65
C PRO A 263 -2.54 -0.24 -37.88
N PRO A 264 -2.69 0.88 -38.64
CA PRO A 264 -3.64 0.94 -39.74
C PRO A 264 -3.33 -0.06 -40.85
N ASP A 265 -2.06 -0.47 -40.95
CA ASP A 265 -1.63 -1.40 -41.99
C ASP A 265 -1.53 -2.84 -41.49
N ALA A 266 -2.06 -3.15 -40.29
CA ALA A 266 -2.10 -4.51 -39.77
C ALA A 266 -3.54 -4.97 -39.73
N THR A 267 -4.28 -4.73 -40.83
CA THR A 267 -5.72 -4.94 -40.85
C THR A 267 -6.10 -6.32 -40.35
N ASN A 268 -5.36 -7.37 -40.79
CA ASN A 268 -5.81 -8.74 -40.50
C ASN A 268 -5.02 -9.42 -39.38
N ASP A 269 -4.30 -8.65 -38.57
CA ASP A 269 -3.59 -9.20 -37.41
C ASP A 269 -4.58 -9.52 -36.27
N PHE A 270 -4.19 -10.41 -35.34
CA PHE A 270 -5.03 -10.69 -34.19
C PHE A 270 -4.16 -11.21 -33.05
N PRO A 271 -4.62 -11.17 -31.78
CA PRO A 271 -3.89 -11.78 -30.67
C PRO A 271 -3.74 -13.28 -30.84
N ILE A 272 -2.50 -13.79 -30.74
CA ILE A 272 -2.24 -15.21 -30.94
C ILE A 272 -1.83 -15.91 -29.64
N ALA A 273 -1.34 -15.15 -28.65
CA ALA A 273 -0.96 -15.76 -27.39
C ALA A 273 -1.03 -14.76 -26.25
N VAL A 274 -1.25 -15.28 -25.04
CA VAL A 274 -1.11 -14.48 -23.83
C VAL A 274 -0.49 -15.37 -22.75
N GLN A 275 0.57 -14.87 -22.10
CA GLN A 275 1.18 -15.53 -20.97
C GLN A 275 1.38 -14.48 -19.87
N VAL A 276 1.51 -14.89 -18.61
CA VAL A 276 1.60 -13.96 -17.48
C VAL A 276 2.68 -14.44 -16.50
N SER A 277 3.52 -13.49 -16.05
CA SER A 277 4.34 -13.70 -14.87
C SER A 277 3.53 -13.36 -13.62
N GLU A 278 3.23 -14.37 -12.81
CA GLU A 278 2.57 -14.17 -11.53
C GLU A 278 3.52 -13.37 -10.62
N LYS A 279 4.81 -13.75 -10.61
CA LYS A 279 5.79 -13.14 -9.74
C LYS A 279 5.87 -11.62 -9.94
N TYR A 280 5.91 -11.18 -11.21
CA TYR A 280 6.12 -9.77 -11.51
C TYR A 280 4.81 -9.01 -11.79
N GLY A 281 3.72 -9.75 -12.00
CA GLY A 281 2.46 -9.15 -12.38
C GLY A 281 2.54 -8.45 -13.74
N ILE A 282 2.96 -9.21 -14.75
CA ILE A 282 3.18 -8.74 -16.11
C ILE A 282 2.49 -9.67 -17.07
N ILE A 283 1.65 -9.10 -17.96
CA ILE A 283 0.99 -9.79 -19.04
C ILE A 283 1.78 -9.59 -20.32
N TYR A 284 2.07 -10.69 -21.01
CA TYR A 284 2.69 -10.66 -22.30
C TYR A 284 1.67 -11.10 -23.34
N LEU A 285 1.28 -10.20 -24.25
CA LEU A 285 0.38 -10.52 -25.33
C LEU A 285 1.09 -10.41 -26.67
N LEU A 286 1.00 -11.47 -27.49
CA LEU A 286 1.65 -11.53 -28.78
C LEU A 286 0.60 -11.60 -29.87
N THR A 287 0.81 -10.93 -31.00
CA THR A 287 -0.06 -10.99 -32.15
C THR A 287 0.56 -11.93 -33.18
N LYS A 288 -0.30 -12.38 -34.13
CA LYS A 288 0.14 -13.25 -35.21
C LYS A 288 1.30 -12.60 -36.00
N TYR A 289 1.21 -11.29 -36.21
CA TYR A 289 2.18 -10.58 -37.05
C TYR A 289 3.45 -10.25 -36.30
N GLY A 290 3.56 -10.65 -35.02
CA GLY A 290 4.79 -10.53 -34.27
C GLY A 290 4.92 -9.33 -33.35
N PHE A 291 3.80 -8.68 -33.02
CA PHE A 291 3.84 -7.55 -32.08
C PHE A 291 3.74 -8.11 -30.66
N ILE A 292 4.60 -7.61 -29.76
CA ILE A 292 4.52 -7.91 -28.34
C ILE A 292 3.94 -6.70 -27.63
N HIS A 293 2.98 -6.97 -26.73
CA HIS A 293 2.34 -5.95 -25.91
C HIS A 293 2.51 -6.38 -24.45
N LEU A 294 3.10 -5.50 -23.64
CA LEU A 294 3.25 -5.77 -22.21
C LEU A 294 2.23 -4.92 -21.46
N TYR A 295 1.58 -5.53 -20.47
CA TYR A 295 0.68 -4.82 -19.58
C TYR A 295 1.00 -5.16 -18.13
N GLU A 296 0.78 -4.20 -17.23
CA GLU A 296 0.91 -4.43 -15.81
C GLU A 296 -0.40 -5.06 -15.34
N LEU A 297 -0.32 -6.14 -14.55
CA LEU A 297 -1.47 -6.97 -14.26
C LEU A 297 -2.47 -6.30 -13.32
N GLU A 298 -1.98 -5.59 -12.31
CA GLU A 298 -2.87 -4.99 -11.30
C GLU A 298 -3.78 -3.93 -11.93
N THR A 299 -3.23 -3.09 -12.81
CA THR A 299 -3.90 -1.93 -13.37
C THR A 299 -4.32 -2.13 -14.82
N GLY A 300 -3.83 -3.17 -15.48
CA GLY A 300 -4.08 -3.33 -16.90
C GLY A 300 -3.32 -2.34 -17.81
N THR A 301 -2.42 -1.56 -17.22
CA THR A 301 -1.77 -0.47 -17.93
C THR A 301 -0.82 -1.03 -19.01
N ASN A 302 -0.89 -0.50 -20.24
CA ASN A 302 0.04 -0.88 -21.28
C ASN A 302 1.42 -0.26 -20.99
N LEU A 303 2.47 -1.08 -21.01
CA LEU A 303 3.82 -0.60 -20.69
C LEU A 303 4.62 -0.41 -21.97
N PHE A 304 4.41 -1.30 -22.97
CA PHE A 304 5.34 -1.41 -24.10
C PHE A 304 4.67 -2.12 -25.27
N VAL A 305 4.96 -1.69 -26.51
CA VAL A 305 4.51 -2.35 -27.73
C VAL A 305 5.71 -2.34 -28.68
N ASN A 306 6.04 -3.50 -29.29
CA ASN A 306 7.15 -3.54 -30.26
C ASN A 306 6.92 -4.75 -31.18
N ARG A 307 7.29 -4.63 -32.45
CA ARG A 307 7.22 -5.79 -33.34
C ARG A 307 8.54 -6.54 -33.25
N ILE A 308 8.57 -7.66 -32.54
CA ILE A 308 9.79 -8.42 -32.26
C ILE A 308 10.20 -9.32 -33.43
N THR A 309 9.26 -9.66 -34.31
CA THR A 309 9.57 -10.42 -35.50
C THR A 309 8.63 -10.00 -36.63
N ALA A 310 9.12 -10.16 -37.85
CA ALA A 310 8.35 -9.84 -39.03
C ALA A 310 7.82 -11.11 -39.68
N GLU A 311 8.23 -12.28 -39.18
CA GLU A 311 7.72 -13.55 -39.63
C GLU A 311 6.53 -13.91 -38.75
N SER A 312 5.45 -14.41 -39.33
CA SER A 312 4.24 -14.66 -38.55
C SER A 312 4.48 -15.73 -37.48
N VAL A 313 3.86 -15.56 -36.31
CA VAL A 313 3.94 -16.49 -35.18
C VAL A 313 2.81 -17.51 -35.34
N PHE A 314 3.10 -18.78 -35.03
CA PHE A 314 2.04 -19.81 -35.09
C PHE A 314 1.80 -20.50 -33.77
N THR A 315 2.68 -20.38 -32.77
CA THR A 315 2.42 -20.95 -31.46
C THR A 315 3.29 -20.25 -30.42
N ALA A 316 2.94 -20.40 -29.15
CA ALA A 316 3.64 -19.79 -28.04
C ALA A 316 3.37 -20.58 -26.77
N ALA A 317 4.18 -20.32 -25.76
CA ALA A 317 4.07 -21.01 -24.49
C ALA A 317 4.79 -20.20 -23.42
N PRO A 318 4.72 -20.58 -22.13
CA PRO A 318 5.46 -19.88 -21.10
C PRO A 318 6.96 -20.05 -21.27
N TYR A 319 7.71 -19.07 -20.77
CA TYR A 319 9.18 -19.08 -20.82
C TYR A 319 9.73 -18.80 -19.43
N ASN A 320 10.83 -19.47 -19.05
CA ASN A 320 11.62 -19.19 -17.87
C ASN A 320 10.75 -19.29 -16.61
N HIS A 321 10.40 -20.51 -16.23
CA HIS A 321 9.56 -20.75 -15.07
C HIS A 321 8.33 -19.84 -15.07
N GLU A 322 7.69 -19.72 -16.23
CA GLU A 322 6.45 -18.98 -16.41
C GLU A 322 6.62 -17.50 -16.05
N ASN A 323 7.81 -16.93 -16.24
CA ASN A 323 8.05 -15.51 -16.00
C ASN A 323 8.01 -14.70 -17.29
N GLY A 324 7.99 -15.37 -18.45
CA GLY A 324 7.90 -14.67 -19.72
C GLY A 324 7.11 -15.47 -20.75
N ILE A 325 7.31 -15.13 -22.03
CA ILE A 325 6.64 -15.79 -23.14
C ILE A 325 7.67 -16.20 -24.18
N ALA A 326 7.43 -17.37 -24.81
CA ALA A 326 8.22 -17.78 -25.94
C ALA A 326 7.29 -18.12 -27.08
N CYS A 327 7.75 -17.96 -28.33
CA CYS A 327 6.96 -18.24 -29.49
C CYS A 327 7.78 -18.87 -30.58
N ILE A 328 7.09 -19.43 -31.59
CA ILE A 328 7.74 -19.94 -32.80
C ILE A 328 7.16 -19.20 -34.00
N ASN A 329 8.03 -18.71 -34.91
CA ASN A 329 7.61 -18.03 -36.13
C ASN A 329 7.72 -18.98 -37.32
N LYS A 330 7.28 -18.56 -38.50
CA LYS A 330 7.20 -19.42 -39.68
C LYS A 330 8.58 -19.83 -40.23
N LYS A 331 9.64 -19.15 -39.77
CA LYS A 331 10.99 -19.51 -40.14
C LYS A 331 11.65 -20.43 -39.10
N GLY A 332 10.86 -20.88 -38.10
CA GLY A 332 11.39 -21.79 -37.10
C GLY A 332 12.26 -21.11 -36.02
N GLN A 333 12.19 -19.77 -35.91
CA GLN A 333 12.81 -19.09 -34.80
C GLN A 333 11.97 -19.23 -33.55
N VAL A 334 12.59 -19.71 -32.46
CA VAL A 334 11.96 -19.80 -31.16
C VAL A 334 12.43 -18.59 -30.37
N LEU A 335 11.57 -17.58 -30.22
CA LEU A 335 11.91 -16.28 -29.67
C LEU A 335 11.31 -16.15 -28.26
N ALA A 336 12.00 -15.45 -27.35
CA ALA A 336 11.58 -15.38 -25.96
C ALA A 336 11.64 -13.93 -25.50
N VAL A 337 10.62 -13.52 -24.73
CA VAL A 337 10.58 -12.19 -24.16
C VAL A 337 10.27 -12.38 -22.66
N GLU A 338 11.00 -11.64 -21.83
CA GLU A 338 10.66 -11.53 -20.43
C GLU A 338 10.99 -10.11 -20.00
N ILE A 339 10.48 -9.65 -18.86
CA ILE A 339 10.88 -8.32 -18.38
C ILE A 339 12.39 -8.30 -18.13
N SER A 340 13.03 -7.14 -18.34
CA SER A 340 14.41 -6.95 -17.92
C SER A 340 14.41 -6.50 -16.47
N THR A 341 14.94 -7.33 -15.55
CA THR A 341 14.80 -7.02 -14.13
C THR A 341 15.55 -5.76 -13.77
N SER A 342 16.62 -5.43 -14.54
CA SER A 342 17.40 -4.24 -14.30
C SER A 342 16.86 -2.97 -14.97
N GLN A 343 16.13 -3.11 -16.09
CA GLN A 343 15.71 -1.96 -16.88
C GLN A 343 14.23 -1.60 -16.75
N ILE A 344 13.38 -2.51 -16.28
CA ILE A 344 11.93 -2.26 -16.34
C ILE A 344 11.56 -1.04 -15.47
N VAL A 345 12.05 -0.98 -14.24
CA VAL A 345 11.70 0.10 -13.34
C VAL A 345 12.22 1.43 -13.88
N PRO A 346 13.51 1.57 -14.26
CA PRO A 346 13.95 2.78 -14.93
C PRO A 346 13.15 3.16 -16.17
N TYR A 347 12.71 2.18 -16.95
CA TYR A 347 11.89 2.44 -18.14
C TYR A 347 10.57 3.11 -17.74
N ILE A 348 9.91 2.58 -16.71
CA ILE A 348 8.63 3.14 -16.28
C ILE A 348 8.83 4.55 -15.73
N LEU A 349 9.92 4.77 -14.95
CA LEU A 349 10.20 6.08 -14.37
C LEU A 349 10.57 7.10 -15.45
N ASN A 350 11.31 6.70 -16.50
CA ASN A 350 11.89 7.66 -17.44
C ASN A 350 11.06 7.76 -18.71
N LYS A 351 10.64 6.63 -19.29
CA LYS A 351 9.86 6.65 -20.52
C LYS A 351 8.39 6.89 -20.24
N LEU A 352 7.82 6.23 -19.22
CA LEU A 352 6.40 6.40 -18.91
C LEU A 352 6.17 7.52 -17.89
N SER A 353 7.25 8.03 -17.29
CA SER A 353 7.17 9.11 -16.30
C SER A 353 6.09 8.88 -15.24
N ASN A 354 6.07 7.71 -14.60
CA ASN A 354 4.99 7.35 -13.67
C ASN A 354 5.60 6.68 -12.44
N VAL A 355 5.81 7.46 -11.37
CA VAL A 355 6.41 6.96 -10.13
C VAL A 355 5.51 5.93 -9.44
N ALA A 356 4.20 6.14 -9.47
CA ALA A 356 3.30 5.22 -8.78
C ALA A 356 3.34 3.84 -9.43
N LEU A 357 3.26 3.79 -10.76
CA LEU A 357 3.31 2.54 -11.51
C LEU A 357 4.68 1.86 -11.35
N ALA A 358 5.75 2.65 -11.33
CA ALA A 358 7.09 2.15 -11.10
C ALA A 358 7.14 1.45 -9.75
N LEU A 359 6.52 2.05 -8.73
CA LEU A 359 6.50 1.47 -7.38
C LEU A 359 5.69 0.17 -7.35
N ILE A 360 4.57 0.13 -8.08
CA ILE A 360 3.73 -1.07 -8.13
C ILE A 360 4.57 -2.25 -8.62
N VAL A 361 5.26 -2.01 -9.74
CA VAL A 361 6.02 -3.05 -10.39
C VAL A 361 7.24 -3.45 -9.54
N ALA A 362 7.97 -2.47 -9.03
CA ALA A 362 9.20 -2.73 -8.27
C ALA A 362 8.88 -3.50 -6.97
N THR A 363 7.79 -3.10 -6.30
CA THR A 363 7.45 -3.70 -5.01
C THR A 363 6.99 -5.14 -5.22
N ARG A 364 6.15 -5.38 -6.22
CA ARG A 364 5.60 -6.71 -6.45
C ARG A 364 6.73 -7.68 -6.82
N GLY A 365 7.67 -7.23 -7.67
CA GLY A 365 8.70 -8.08 -8.23
C GLY A 365 10.01 -8.12 -7.44
N GLY A 366 10.16 -7.23 -6.44
CA GLY A 366 11.42 -7.10 -5.75
C GLY A 366 12.52 -6.57 -6.68
N LEU A 367 12.16 -5.61 -7.54
CA LEU A 367 13.06 -5.14 -8.58
C LEU A 367 13.80 -3.90 -8.13
N PRO A 368 15.02 -3.66 -8.69
CA PRO A 368 15.75 -2.43 -8.43
C PRO A 368 15.22 -1.25 -9.23
N GLY A 369 15.50 -0.04 -8.77
CA GLY A 369 15.22 1.16 -9.57
C GLY A 369 14.40 2.21 -8.84
N ALA A 370 13.70 1.84 -7.78
CA ALA A 370 12.79 2.79 -7.14
C ALA A 370 13.07 2.91 -5.64
N ASP A 371 14.30 2.61 -5.21
CA ASP A 371 14.64 2.80 -3.81
C ASP A 371 14.54 4.28 -3.44
N ASP A 372 14.87 5.18 -4.36
CA ASP A 372 14.90 6.61 -4.03
C ASP A 372 13.50 7.17 -3.73
N MET B 3 13.76 17.80 -8.25
CA MET B 3 14.90 16.84 -8.32
C MET B 3 14.47 15.55 -9.03
N ALA B 4 13.44 14.86 -8.51
CA ALA B 4 12.88 13.69 -9.16
C ALA B 4 12.16 14.08 -10.47
N MET B 5 11.83 15.37 -10.55
CA MET B 5 11.09 15.94 -11.67
C MET B 5 12.04 16.67 -12.63
N SER B 6 13.34 16.33 -12.59
CA SER B 6 14.33 17.12 -13.30
C SER B 6 13.97 17.25 -14.77
N ASP B 7 13.65 16.12 -15.43
CA ASP B 7 13.33 16.11 -16.85
C ASP B 7 11.88 16.52 -17.15
N LEU B 8 11.08 16.95 -16.15
CA LEU B 8 9.65 17.14 -16.34
C LEU B 8 9.34 18.54 -16.83
N PRO B 9 8.21 18.73 -17.57
CA PRO B 9 7.86 20.02 -18.16
C PRO B 9 7.05 20.86 -17.20
N ILE B 10 7.76 21.26 -16.17
CA ILE B 10 7.10 21.88 -15.04
C ILE B 10 8.09 22.86 -14.40
N GLU B 11 7.59 23.86 -13.68
CA GLU B 11 8.40 24.78 -12.88
C GLU B 11 8.06 24.46 -11.42
N PHE B 12 9.07 24.30 -10.57
CA PHE B 12 8.88 23.89 -9.18
C PHE B 12 9.57 24.94 -8.29
N THR B 13 8.88 25.45 -7.26
CA THR B 13 9.49 26.47 -6.40
C THR B 13 8.98 26.27 -4.97
N GLU B 14 9.84 26.57 -3.98
CA GLU B 14 9.38 26.71 -2.61
C GLU B 14 9.10 28.20 -2.40
N LEU B 15 7.84 28.55 -2.22
CA LEU B 15 7.43 29.94 -2.06
C LEU B 15 7.97 30.49 -0.74
N VAL B 16 7.87 29.68 0.32
CA VAL B 16 8.34 30.12 1.64
C VAL B 16 8.47 28.88 2.53
N ASP B 17 9.30 28.96 3.57
CA ASP B 17 9.29 28.03 4.67
C ASP B 17 8.74 28.76 5.91
N LEU B 18 7.56 28.36 6.37
CA LEU B 18 6.89 29.04 7.48
C LEU B 18 7.71 29.03 8.78
N MET B 19 8.52 27.98 8.97
CA MET B 19 9.35 27.87 10.16
C MET B 19 10.41 28.97 10.15
N SER B 20 10.88 29.32 8.94
CA SER B 20 11.89 30.36 8.76
C SER B 20 11.33 31.73 9.18
N LEU B 21 10.01 31.87 9.19
CA LEU B 21 9.35 33.13 9.51
C LEU B 21 9.12 33.26 11.02
N GLY B 22 9.37 32.19 11.78
CA GLY B 22 9.14 32.19 13.21
C GLY B 22 7.76 31.62 13.58
N ILE B 23 7.05 31.03 12.61
CA ILE B 23 5.80 30.36 12.88
C ILE B 23 6.09 29.05 13.63
N SER B 24 5.36 28.79 14.72
CA SER B 24 5.56 27.59 15.51
C SER B 24 5.07 26.35 14.76
N PRO B 25 5.81 25.23 14.77
CA PRO B 25 5.32 24.00 14.14
C PRO B 25 4.07 23.44 14.80
N GLN B 26 3.80 23.87 16.04
CA GLN B 26 2.59 23.51 16.77
C GLN B 26 1.31 23.78 15.98
N PHE B 27 1.34 24.78 15.09
CA PHE B 27 0.14 25.19 14.40
C PHE B 27 0.07 24.69 12.97
N LEU B 28 0.92 23.73 12.57
CA LEU B 28 0.94 23.22 11.22
C LEU B 28 -0.08 22.08 11.10
N ASP B 29 -1.37 22.45 11.12
CA ASP B 29 -2.43 21.48 10.99
C ASP B 29 -3.63 22.12 10.27
N PHE B 30 -4.55 21.25 9.83
CA PHE B 30 -5.67 21.63 8.98
C PHE B 30 -6.52 22.74 9.57
N ARG B 31 -6.76 22.70 10.89
CA ARG B 31 -7.64 23.66 11.52
C ARG B 31 -6.92 24.98 11.88
N SER B 32 -5.59 24.96 11.99
CA SER B 32 -4.82 26.09 12.49
C SER B 32 -4.20 26.94 11.36
N THR B 33 -3.62 26.31 10.34
CA THR B 33 -2.94 27.01 9.25
C THR B 33 -3.79 26.87 7.99
N THR B 34 -4.47 27.95 7.58
CA THR B 34 -5.41 27.91 6.46
C THR B 34 -4.82 28.57 5.22
N PHE B 35 -5.25 28.08 4.03
CA PHE B 35 -4.70 28.48 2.74
C PHE B 35 -5.81 28.50 1.68
N GLU B 36 -6.39 29.68 1.45
CA GLU B 36 -7.51 29.85 0.54
C GLU B 36 -7.02 30.23 -0.87
N SER B 37 -5.78 30.74 -0.96
CA SER B 37 -5.14 31.16 -2.19
C SER B 37 -3.63 31.26 -1.95
N ASP B 38 -2.86 31.46 -3.02
CA ASP B 38 -1.42 31.65 -2.90
C ASP B 38 -1.04 33.08 -2.47
N HIS B 39 -2.02 33.91 -2.13
CA HIS B 39 -1.75 35.26 -1.65
C HIS B 39 -1.37 35.28 -0.16
N PHE B 40 -2.02 34.42 0.63
CA PHE B 40 -1.86 34.49 2.09
C PHE B 40 -1.86 33.11 2.73
N VAL B 41 -1.15 32.99 3.85
CA VAL B 41 -1.29 31.89 4.79
C VAL B 41 -1.71 32.51 6.12
N THR B 42 -2.76 31.95 6.75
CA THR B 42 -3.28 32.47 8.00
C THR B 42 -3.06 31.42 9.09
N VAL B 43 -2.24 31.76 10.10
CA VAL B 43 -1.93 30.84 11.19
C VAL B 43 -2.64 31.31 12.45
N ARG B 44 -3.60 30.50 12.94
CA ARG B 44 -4.19 30.74 14.23
C ARG B 44 -3.25 30.23 15.32
N GLU B 45 -2.90 31.12 16.26
CA GLU B 45 -1.93 30.84 17.29
C GLU B 45 -2.68 30.83 18.63
N THR B 46 -3.16 29.64 19.01
CA THR B 46 -3.91 29.49 20.25
C THR B 46 -2.91 29.43 21.38
N LYS B 47 -3.09 30.32 22.36
CA LYS B 47 -2.22 30.45 23.52
C LYS B 47 -3.09 30.53 24.79
N ASP B 48 -2.42 30.59 25.95
CA ASP B 48 -3.07 30.49 27.25
C ASP B 48 -4.13 31.60 27.44
N GLY B 49 -3.82 32.82 26.99
CA GLY B 49 -4.74 33.96 27.12
C GLY B 49 -5.44 34.31 25.80
N THR B 50 -5.46 35.61 25.45
CA THR B 50 -5.93 36.04 24.14
C THR B 50 -5.10 35.34 23.07
N ASN B 51 -5.76 34.69 22.12
CA ASN B 51 -5.06 34.06 21.01
C ASN B 51 -4.48 35.15 20.11
N SER B 52 -3.79 34.75 19.04
CA SER B 52 -3.32 35.69 18.04
C SER B 52 -3.41 35.02 16.67
N VAL B 53 -3.36 35.82 15.60
CA VAL B 53 -3.32 35.31 14.25
C VAL B 53 -2.10 35.91 13.55
N ALA B 54 -1.37 35.07 12.82
CA ALA B 54 -0.23 35.50 12.02
C ALA B 54 -0.64 35.42 10.55
N ILE B 55 -0.58 36.54 9.84
CA ILE B 55 -0.91 36.62 8.42
C ILE B 55 0.40 36.70 7.64
N VAL B 56 0.67 35.68 6.80
CA VAL B 56 1.84 35.67 5.93
C VAL B 56 1.37 36.12 4.56
N ASP B 57 1.84 37.29 4.09
CA ASP B 57 1.50 37.80 2.77
C ASP B 57 2.55 37.33 1.77
N LEU B 58 2.23 36.26 1.02
CA LEU B 58 3.15 35.68 0.07
C LEU B 58 3.38 36.61 -1.12
N ALA B 59 2.48 37.58 -1.34
CA ALA B 59 2.60 38.54 -2.42
C ALA B 59 3.50 39.73 -2.05
N LYS B 60 3.79 39.91 -0.74
CA LYS B 60 4.62 41.00 -0.24
C LYS B 60 5.83 40.46 0.52
N GLY B 61 6.62 39.59 -0.12
CA GLY B 61 7.88 39.11 0.42
C GLY B 61 7.72 38.35 1.74
N ASN B 62 6.58 37.65 1.92
CA ASN B 62 6.34 36.81 3.09
C ASN B 62 6.25 37.66 4.35
N GLU B 63 5.79 38.91 4.21
CA GLU B 63 5.62 39.80 5.35
C GLU B 63 4.64 39.17 6.34
N VAL B 64 5.02 39.11 7.63
CA VAL B 64 4.19 38.55 8.67
C VAL B 64 3.55 39.70 9.46
N THR B 65 2.22 39.66 9.58
CA THR B 65 1.46 40.62 10.35
C THR B 65 0.76 39.81 11.44
N ARG B 66 1.00 40.14 12.71
CA ARG B 66 0.43 39.42 13.83
C ARG B 66 -0.55 40.35 14.54
N LYS B 67 -1.75 39.81 14.87
CA LYS B 67 -2.78 40.55 15.57
C LYS B 67 -3.38 39.68 16.67
N ASN B 68 -3.69 40.27 17.82
CA ASN B 68 -4.42 39.58 18.86
C ASN B 68 -5.84 39.37 18.36
N MET B 69 -6.47 38.23 18.73
CA MET B 69 -7.85 37.96 18.32
C MET B 69 -8.53 37.09 19.37
N GLY B 70 -9.88 37.14 19.39
CA GLY B 70 -10.68 36.33 20.28
C GLY B 70 -11.19 35.08 19.60
N GLY B 71 -10.79 34.85 18.35
CA GLY B 71 -11.36 33.75 17.57
C GLY B 71 -10.56 32.47 17.77
N ASP B 72 -11.18 31.34 17.41
CA ASP B 72 -10.53 30.04 17.42
C ASP B 72 -10.37 29.49 15.99
N SER B 73 -10.76 30.30 14.99
CA SER B 73 -10.62 29.92 13.59
C SER B 73 -10.58 31.19 12.76
N ALA B 74 -9.73 31.21 11.74
CA ALA B 74 -9.54 32.39 10.91
C ALA B 74 -9.05 32.00 9.52
N ILE B 75 -9.62 32.68 8.51
CA ILE B 75 -9.27 32.47 7.11
C ILE B 75 -9.18 33.83 6.45
N MET B 76 -8.38 33.90 5.38
CA MET B 76 -8.22 35.13 4.63
C MET B 76 -8.90 34.98 3.29
N HIS B 77 -9.35 36.09 2.72
CA HIS B 77 -9.91 36.15 1.38
C HIS B 77 -8.84 35.79 0.35
N PRO B 78 -9.24 35.30 -0.84
CA PRO B 78 -8.29 34.92 -1.87
C PRO B 78 -7.34 36.01 -2.35
N SER B 79 -7.77 37.27 -2.39
CA SER B 79 -7.04 38.32 -3.08
C SER B 79 -6.81 39.57 -2.23
N GLN B 80 -7.69 39.85 -1.27
CA GLN B 80 -7.54 41.02 -0.42
C GLN B 80 -7.38 40.61 1.04
N MET B 81 -6.87 41.51 1.88
CA MET B 81 -6.65 41.23 3.29
C MET B 81 -7.96 41.48 4.05
N VAL B 82 -8.94 40.64 3.74
CA VAL B 82 -10.21 40.59 4.44
C VAL B 82 -10.23 39.29 5.22
N ILE B 83 -10.25 39.39 6.55
CA ILE B 83 -10.12 38.26 7.47
C ILE B 83 -11.50 37.91 8.03
N SER B 84 -11.76 36.60 8.14
CA SER B 84 -12.99 36.08 8.70
C SER B 84 -12.61 35.30 9.96
N VAL B 85 -13.19 35.71 11.10
CA VAL B 85 -12.84 35.15 12.39
C VAL B 85 -14.12 34.64 13.06
N ARG B 86 -14.01 33.52 13.79
CA ARG B 86 -15.15 32.98 14.50
C ARG B 86 -14.71 32.46 15.86
N ALA B 87 -15.66 32.34 16.80
CA ALA B 87 -15.43 31.78 18.11
C ALA B 87 -16.58 30.84 18.50
N ASN B 88 -16.22 29.62 18.96
CA ASN B 88 -17.18 28.65 19.46
C ASN B 88 -18.25 28.34 18.42
N GLY B 89 -17.86 28.40 17.13
CA GLY B 89 -18.71 28.02 16.02
C GLY B 89 -19.84 29.01 15.70
N THR B 90 -20.29 29.82 16.68
CA THR B 90 -21.52 30.58 16.49
C THR B 90 -21.22 32.05 16.18
N ILE B 91 -20.21 32.66 16.81
CA ILE B 91 -20.01 34.11 16.63
C ILE B 91 -19.01 34.35 15.50
N VAL B 92 -19.38 35.15 14.49
CA VAL B 92 -18.55 35.36 13.31
C VAL B 92 -18.41 36.85 13.05
N GLN B 93 -17.19 37.33 12.74
CA GLN B 93 -16.98 38.69 12.29
C GLN B 93 -16.01 38.65 11.11
N ILE B 94 -16.24 39.53 10.13
CA ILE B 94 -15.42 39.63 8.95
C ILE B 94 -14.99 41.10 8.84
N PHE B 95 -13.67 41.33 8.74
CA PHE B 95 -13.09 42.67 8.71
C PHE B 95 -12.16 42.83 7.52
N ASN B 96 -12.26 43.97 6.82
CA ASN B 96 -11.26 44.33 5.84
C ASN B 96 -10.14 45.02 6.61
N LEU B 97 -9.00 44.33 6.75
CA LEU B 97 -7.89 44.82 7.55
C LEU B 97 -7.17 45.94 6.79
N GLU B 98 -7.23 45.92 5.44
CA GLU B 98 -6.58 46.93 4.60
C GLU B 98 -7.19 48.32 4.87
N THR B 99 -8.53 48.37 5.02
CA THR B 99 -9.28 49.60 5.19
C THR B 99 -9.88 49.69 6.61
N LYS B 100 -9.58 48.70 7.45
CA LYS B 100 -10.07 48.64 8.83
C LYS B 100 -11.59 48.77 8.92
N SER B 101 -12.33 47.87 8.23
CA SER B 101 -13.78 47.97 8.10
CA SER B 101 -13.78 47.97 8.10
C SER B 101 -14.56 46.67 8.41
N LYS B 102 -15.63 46.77 9.21
CA LYS B 102 -16.44 45.60 9.57
C LYS B 102 -17.44 45.28 8.45
N LEU B 103 -17.30 44.11 7.82
CA LEU B 103 -18.13 43.73 6.68
C LEU B 103 -19.33 42.90 7.14
N LYS B 104 -19.09 42.03 8.13
CA LYS B 104 -20.11 41.13 8.65
C LYS B 104 -19.90 40.96 10.15
N SER B 105 -20.99 40.81 10.89
CA SER B 105 -21.00 40.52 12.32
C SER B 105 -22.36 39.88 12.65
N PHE B 106 -22.35 38.61 13.04
CA PHE B 106 -23.59 37.88 13.28
C PHE B 106 -23.33 36.68 14.18
N THR B 107 -24.43 36.11 14.69
CA THR B 107 -24.38 34.95 15.54
C THR B 107 -25.24 33.88 14.87
N LEU B 108 -24.62 32.74 14.53
CA LEU B 108 -25.30 31.69 13.78
C LEU B 108 -26.18 30.87 14.73
N ASP B 109 -27.26 30.29 14.19
CA ASP B 109 -28.17 29.44 14.95
C ASP B 109 -27.55 28.06 15.19
N GLU B 110 -26.75 27.61 14.23
CA GLU B 110 -26.08 26.32 14.28
C GLU B 110 -24.58 26.57 14.17
N PRO B 111 -23.73 25.93 15.01
CA PRO B 111 -22.29 26.10 14.91
C PRO B 111 -21.68 25.72 13.56
N VAL B 112 -20.85 26.61 13.00
CA VAL B 112 -20.10 26.34 11.78
C VAL B 112 -18.97 25.39 12.16
N ILE B 113 -18.79 24.32 11.36
CA ILE B 113 -17.72 23.35 11.57
C ILE B 113 -16.71 23.40 10.42
N PHE B 114 -17.04 24.08 9.32
CA PHE B 114 -16.13 24.23 8.20
C PHE B 114 -16.54 25.46 7.39
N TRP B 115 -15.56 26.24 6.91
CA TRP B 115 -15.87 27.34 6.02
C TRP B 115 -14.74 27.49 4.99
N ARG B 116 -15.05 28.18 3.88
CA ARG B 116 -14.13 28.28 2.75
C ARG B 116 -14.69 29.30 1.75
N TRP B 117 -13.84 30.20 1.23
CA TRP B 117 -14.28 31.10 0.18
C TRP B 117 -14.68 30.30 -1.07
N LEU B 118 -15.87 30.55 -1.59
CA LEU B 118 -16.39 29.90 -2.79
C LEU B 118 -16.07 30.72 -4.05
N SER B 119 -15.96 32.04 -3.89
CA SER B 119 -15.66 32.99 -4.96
C SER B 119 -14.99 34.21 -4.35
N GLU B 120 -14.72 35.26 -5.15
CA GLU B 120 -14.22 36.52 -4.65
C GLU B 120 -15.28 37.28 -3.84
N THR B 121 -16.56 36.88 -3.93
CA THR B 121 -17.63 37.57 -3.23
C THR B 121 -18.24 36.75 -2.10
N THR B 122 -18.21 35.41 -2.21
CA THR B 122 -19.05 34.57 -1.37
C THR B 122 -18.24 33.61 -0.49
N LEU B 123 -18.58 33.59 0.80
CA LEU B 123 -18.02 32.68 1.80
C LEU B 123 -19.02 31.55 2.09
N GLY B 124 -18.52 30.31 2.08
CA GLY B 124 -19.34 29.13 2.29
C GLY B 124 -19.19 28.61 3.71
N PHE B 125 -20.29 28.14 4.30
CA PHE B 125 -20.33 27.66 5.68
C PHE B 125 -20.99 26.29 5.69
N VAL B 126 -20.47 25.38 6.53
CA VAL B 126 -21.05 24.07 6.73
C VAL B 126 -21.21 23.85 8.23
N THR B 127 -22.44 23.52 8.66
CA THR B 127 -22.72 23.18 10.06
C THR B 127 -22.91 21.67 10.14
N ALA B 128 -23.29 21.17 11.32
CA ALA B 128 -23.54 19.74 11.46
C ALA B 128 -24.66 19.28 10.53
N ARG B 129 -25.63 20.17 10.21
CA ARG B 129 -26.85 19.79 9.49
C ARG B 129 -27.06 20.57 8.20
N SER B 130 -26.36 21.70 7.97
CA SER B 130 -26.73 22.63 6.91
C SER B 130 -25.52 23.16 6.14
N ILE B 131 -25.82 23.74 4.97
CA ILE B 131 -24.82 24.38 4.11
C ILE B 131 -25.36 25.77 3.79
N LEU B 132 -24.56 26.83 4.04
CA LEU B 132 -24.98 28.21 3.90
C LEU B 132 -23.93 29.00 3.11
N THR B 133 -24.32 30.17 2.58
CA THR B 133 -23.41 31.05 1.88
C THR B 133 -23.71 32.48 2.30
N SER B 134 -22.68 33.35 2.25
CA SER B 134 -22.81 34.76 2.53
C SER B 134 -22.10 35.56 1.46
N ASN B 135 -22.79 36.50 0.81
CA ASN B 135 -22.14 37.49 -0.03
C ASN B 135 -21.55 38.54 0.91
N VAL B 136 -20.26 38.38 1.23
CA VAL B 136 -19.61 39.14 2.28
C VAL B 136 -19.54 40.63 1.93
N PHE B 137 -19.57 40.97 0.63
CA PHE B 137 -19.40 42.36 0.20
C PHE B 137 -20.73 43.01 -0.19
N ASP B 138 -21.86 42.48 0.31
CA ASP B 138 -23.16 43.04 -0.05
C ASP B 138 -23.52 44.25 0.81
N GLY B 139 -22.76 44.51 1.89
CA GLY B 139 -22.96 45.70 2.70
C GLY B 139 -24.02 45.54 3.79
N ASN B 140 -24.57 44.33 3.94
CA ASN B 140 -25.55 44.03 4.98
C ASN B 140 -24.82 43.41 6.18
N VAL B 141 -24.28 44.23 7.08
CA VAL B 141 -23.32 43.75 8.09
C VAL B 141 -23.92 42.67 8.99
N ASN B 142 -25.20 42.78 9.35
CA ASN B 142 -25.80 41.88 10.32
C ASN B 142 -26.48 40.67 9.69
N ALA B 143 -26.49 40.58 8.36
CA ALA B 143 -27.25 39.57 7.67
C ALA B 143 -26.57 38.22 7.87
N LYS B 144 -27.33 37.27 8.40
CA LYS B 144 -26.81 35.92 8.59
C LYS B 144 -26.66 35.26 7.22
N PRO B 145 -25.78 34.24 7.08
CA PRO B 145 -25.68 33.49 5.85
C PRO B 145 -27.01 32.87 5.47
N GLN B 146 -27.28 32.81 4.16
CA GLN B 146 -28.49 32.22 3.63
C GLN B 146 -28.31 30.72 3.52
N LEU B 147 -29.33 29.96 3.97
CA LEU B 147 -29.34 28.53 3.83
C LEU B 147 -29.36 28.18 2.34
N LEU B 148 -28.47 27.27 1.92
CA LEU B 148 -28.42 26.78 0.54
C LEU B 148 -29.24 25.50 0.50
N THR B 149 -28.90 24.53 1.36
CA THR B 149 -29.61 23.28 1.45
C THR B 149 -29.13 22.57 2.71
N LEU B 150 -29.87 21.54 3.15
CA LEU B 150 -29.40 20.67 4.21
C LEU B 150 -28.28 19.79 3.68
N ARG B 151 -27.38 19.34 4.56
CA ARG B 151 -26.41 18.31 4.23
C ARG B 151 -27.13 17.00 3.93
N HIS B 152 -26.58 16.24 2.98
CA HIS B 152 -27.03 14.89 2.69
C HIS B 152 -26.55 13.97 3.81
N ALA B 153 -27.40 12.98 4.19
CA ALA B 153 -27.13 12.13 5.33
C ALA B 153 -25.87 11.29 5.13
N ASN B 154 -25.46 11.08 3.88
CA ASN B 154 -24.31 10.26 3.56
C ASN B 154 -23.02 10.94 4.00
N LEU B 155 -23.05 12.25 4.31
CA LEU B 155 -21.90 12.95 4.89
C LEU B 155 -21.91 12.88 6.41
N ASN B 156 -22.92 12.21 7.03
CA ASN B 156 -22.95 12.08 8.48
C ASN B 156 -21.66 11.38 8.93
N ASN B 157 -21.07 11.84 10.03
CA ASN B 157 -19.89 11.23 10.62
C ASN B 157 -18.67 11.25 9.69
N THR B 158 -18.62 12.23 8.78
CA THR B 158 -17.39 12.54 8.04
C THR B 158 -16.72 13.77 8.64
N GLN B 159 -15.44 13.96 8.32
CA GLN B 159 -14.76 15.22 8.54
C GLN B 159 -14.93 16.04 7.28
N ILE B 160 -15.62 17.18 7.35
CA ILE B 160 -15.80 18.05 6.20
C ILE B 160 -14.46 18.72 5.89
N ILE B 161 -13.95 18.60 4.67
CA ILE B 161 -12.63 19.09 4.34
C ILE B 161 -12.65 20.04 3.14
N ASN B 162 -13.77 20.17 2.41
CA ASN B 162 -13.83 21.14 1.33
C ASN B 162 -15.27 21.50 0.97
N PHE B 163 -15.41 22.67 0.36
CA PHE B 163 -16.66 23.21 -0.11
C PHE B 163 -16.31 24.11 -1.29
N VAL B 164 -16.73 23.71 -2.51
CA VAL B 164 -16.41 24.43 -3.73
C VAL B 164 -17.68 24.76 -4.49
N ALA B 165 -17.56 25.67 -5.46
CA ALA B 165 -18.69 26.14 -6.25
C ALA B 165 -18.21 26.52 -7.65
N ASN B 166 -19.15 26.66 -8.59
CA ASN B 166 -18.84 27.15 -9.93
C ASN B 166 -18.85 28.67 -9.90
N LYS B 167 -18.46 29.29 -11.02
CA LYS B 167 -18.43 30.74 -11.12
C LYS B 167 -19.82 31.34 -10.96
N ASN B 168 -20.85 30.63 -11.45
CA ASN B 168 -22.23 31.11 -11.45
C ASN B 168 -22.87 30.98 -10.05
N LEU B 169 -22.18 30.33 -9.11
CA LEU B 169 -22.69 30.07 -7.77
C LEU B 169 -24.08 29.45 -7.83
N ASP B 170 -24.25 28.42 -8.69
CA ASP B 170 -25.49 27.65 -8.73
C ASP B 170 -25.23 26.14 -8.69
N TRP B 171 -23.94 25.73 -8.69
CA TRP B 171 -23.50 24.35 -8.50
C TRP B 171 -22.45 24.33 -7.40
N PHE B 172 -22.53 23.33 -6.52
CA PHE B 172 -21.76 23.26 -5.29
C PHE B 172 -21.37 21.83 -5.02
N ALA B 173 -20.26 21.64 -4.30
CA ALA B 173 -19.86 20.33 -3.85
C ALA B 173 -19.22 20.44 -2.47
N VAL B 174 -19.66 19.58 -1.53
CA VAL B 174 -19.14 19.53 -0.17
C VAL B 174 -18.48 18.16 -0.02
N VAL B 175 -17.26 18.13 0.49
CA VAL B 175 -16.45 16.91 0.57
C VAL B 175 -16.26 16.56 2.05
N GLY B 176 -16.50 15.30 2.40
CA GLY B 176 -16.21 14.77 3.72
C GLY B 176 -15.40 13.48 3.61
N ILE B 177 -14.56 13.15 4.60
CA ILE B 177 -13.80 11.90 4.61
C ILE B 177 -14.05 11.12 5.90
N LEU B 178 -13.83 9.80 5.86
CA LEU B 178 -14.04 8.92 7.00
C LEU B 178 -13.12 7.70 6.85
N GLN B 179 -12.92 6.97 7.94
CA GLN B 179 -12.16 5.74 7.92
C GLN B 179 -13.07 4.62 7.43
N GLU B 180 -12.56 3.76 6.54
CA GLU B 180 -13.31 2.58 6.10
C GLU B 180 -12.33 1.53 5.57
N ASN B 181 -12.44 0.28 6.05
CA ASN B 181 -11.70 -0.86 5.52
C ASN B 181 -10.19 -0.63 5.62
N GLY B 182 -9.75 0.14 6.62
CA GLY B 182 -8.33 0.38 6.85
C GLY B 182 -7.75 1.44 5.93
N ARG B 183 -8.63 2.13 5.20
CA ARG B 183 -8.28 3.18 4.26
C ARG B 183 -9.06 4.44 4.65
N ILE B 184 -8.92 5.51 3.85
CA ILE B 184 -9.68 6.74 4.05
C ILE B 184 -10.62 6.87 2.85
N ALA B 185 -11.94 6.84 3.12
CA ALA B 185 -12.95 7.01 2.09
C ALA B 185 -13.38 8.47 2.02
N GLY B 186 -13.90 8.88 0.86
CA GLY B 186 -14.43 10.22 0.68
C GLY B 186 -15.87 10.18 0.16
N ARG B 187 -16.69 11.12 0.62
CA ARG B 187 -18.07 11.27 0.18
C ARG B 187 -18.25 12.70 -0.29
N ILE B 188 -19.00 12.94 -1.36
CA ILE B 188 -19.20 14.28 -1.87
C ILE B 188 -20.70 14.50 -2.06
N GLN B 189 -21.21 15.62 -1.52
CA GLN B 189 -22.56 16.03 -1.82
C GLN B 189 -22.52 17.05 -2.97
N LEU B 190 -23.10 16.68 -4.11
CA LEU B 190 -23.22 17.60 -5.25
C LEU B 190 -24.60 18.25 -5.16
N PHE B 191 -24.68 19.56 -5.43
CA PHE B 191 -25.93 20.30 -5.29
C PHE B 191 -26.11 21.29 -6.44
N SER B 192 -27.24 21.18 -7.14
CA SER B 192 -27.66 22.15 -8.15
C SER B 192 -28.76 22.98 -7.52
N LYS B 193 -28.52 24.30 -7.45
CA LYS B 193 -29.43 25.22 -6.79
C LYS B 193 -30.65 25.48 -7.68
N GLN B 194 -30.42 25.62 -9.00
CA GLN B 194 -31.51 25.95 -9.91
C GLN B 194 -32.50 24.79 -9.97
N ARG B 195 -31.99 23.56 -9.92
CA ARG B 195 -32.78 22.37 -10.13
C ARG B 195 -33.17 21.64 -8.83
N ASN B 196 -32.62 22.06 -7.69
CA ASN B 196 -32.78 21.30 -6.45
C ASN B 196 -32.46 19.81 -6.66
N ILE B 197 -31.27 19.55 -7.20
CA ILE B 197 -30.74 18.21 -7.27
C ILE B 197 -29.72 18.12 -6.13
N SER B 198 -29.87 17.11 -5.29
CA SER B 198 -28.84 16.73 -4.34
C SER B 198 -28.47 15.28 -4.64
N GLN B 199 -27.18 15.03 -4.89
CA GLN B 199 -26.71 13.67 -5.15
C GLN B 199 -25.46 13.39 -4.35
N ALA B 200 -25.41 12.23 -3.67
CA ALA B 200 -24.23 11.79 -2.94
C ALA B 200 -23.39 10.89 -3.84
N ILE B 201 -22.10 11.19 -4.00
CA ILE B 201 -21.18 10.42 -4.82
C ILE B 201 -19.96 10.08 -3.97
N ASP B 202 -19.07 9.20 -4.47
CA ASP B 202 -17.83 8.90 -3.78
C ASP B 202 -16.73 9.82 -4.32
N GLY B 203 -15.91 10.40 -3.44
CA GLY B 203 -14.83 11.25 -3.91
C GLY B 203 -14.13 11.95 -2.75
N HIS B 204 -12.85 12.28 -2.97
CA HIS B 204 -12.03 12.99 -2.01
C HIS B 204 -11.77 14.43 -2.41
N VAL B 205 -11.81 14.73 -3.73
CA VAL B 205 -11.50 16.06 -4.23
C VAL B 205 -12.50 16.47 -5.30
N ALA B 206 -12.66 17.79 -5.47
CA ALA B 206 -13.66 18.34 -6.37
C ALA B 206 -13.30 19.75 -6.78
N ILE B 207 -13.56 20.09 -8.05
CA ILE B 207 -13.45 21.45 -8.55
C ILE B 207 -14.39 21.62 -9.75
N PHE B 208 -15.01 22.81 -9.85
CA PHE B 208 -15.76 23.18 -11.04
C PHE B 208 -14.84 24.05 -11.89
N THR B 209 -14.75 23.79 -13.20
CA THR B 209 -13.90 24.58 -14.08
C THR B 209 -14.61 24.77 -15.43
N ASN B 210 -13.89 25.32 -16.40
CA ASN B 210 -14.43 25.68 -17.70
C ASN B 210 -13.41 25.35 -18.77
N ILE B 211 -13.90 24.97 -19.99
CA ILE B 211 -13.02 24.55 -21.07
C ILE B 211 -13.58 25.05 -22.39
N LEU B 212 -12.70 25.64 -23.21
CA LEU B 212 -13.00 26.06 -24.57
C LEU B 212 -12.72 24.90 -25.51
N LEU B 213 -13.75 24.42 -26.19
CA LEU B 213 -13.67 23.27 -27.08
C LEU B 213 -13.69 23.72 -28.53
N GLU B 214 -12.99 22.98 -29.40
CA GLU B 214 -13.05 23.26 -30.82
C GLU B 214 -14.50 23.23 -31.27
N GLY B 215 -14.92 24.22 -32.06
CA GLY B 215 -16.28 24.33 -32.56
C GLY B 215 -17.09 25.40 -31.83
N ASN B 216 -16.71 25.74 -30.59
CA ASN B 216 -17.53 26.59 -29.73
C ASN B 216 -17.04 28.03 -29.73
N GLY B 217 -16.08 28.35 -30.60
CA GLY B 217 -15.54 29.70 -30.72
C GLY B 217 -14.95 30.19 -29.41
N SER B 218 -15.52 31.28 -28.87
CA SER B 218 -15.02 31.87 -27.64
C SER B 218 -15.84 31.44 -26.43
N THR B 219 -16.82 30.53 -26.63
CA THR B 219 -17.73 30.16 -25.57
C THR B 219 -17.22 28.90 -24.87
N PRO B 220 -16.79 28.99 -23.59
CA PRO B 220 -16.47 27.80 -22.81
C PRO B 220 -17.70 27.02 -22.36
N VAL B 221 -17.49 25.76 -21.99
CA VAL B 221 -18.49 24.92 -21.34
C VAL B 221 -17.97 24.62 -19.93
N GLN B 222 -18.87 24.23 -19.02
CA GLN B 222 -18.52 23.89 -17.64
C GLN B 222 -18.28 22.39 -17.47
N VAL B 223 -17.22 22.03 -16.71
CA VAL B 223 -17.01 20.65 -16.33
C VAL B 223 -16.69 20.57 -14.83
N PHE B 224 -17.15 19.50 -14.20
CA PHE B 224 -16.86 19.17 -12.82
C PHE B 224 -15.81 18.08 -12.82
N VAL B 225 -14.71 18.30 -12.10
CA VAL B 225 -13.59 17.38 -12.00
C VAL B 225 -13.54 16.81 -10.57
N THR B 226 -13.55 15.48 -10.43
CA THR B 226 -13.55 14.86 -9.11
C THR B 226 -12.63 13.66 -9.11
N GLY B 227 -12.02 13.38 -7.96
CA GLY B 227 -11.09 12.28 -7.81
C GLY B 227 -11.43 11.48 -6.57
N ASN B 228 -11.28 10.16 -6.67
CA ASN B 228 -11.65 9.25 -5.60
C ASN B 228 -10.61 8.15 -5.45
N ARG B 229 -10.44 7.62 -4.24
CA ARG B 229 -9.77 6.36 -4.01
C ARG B 229 -10.75 5.43 -3.31
N ASN B 230 -11.04 4.31 -3.95
CA ASN B 230 -12.02 3.34 -3.50
C ASN B 230 -11.46 2.59 -2.29
N ALA B 231 -12.17 2.63 -1.16
CA ALA B 231 -11.75 1.96 0.07
C ALA B 231 -11.79 0.43 -0.01
N THR B 232 -12.50 -0.15 -0.97
CA THR B 232 -12.61 -1.60 -1.13
C THR B 232 -11.46 -2.15 -1.96
N THR B 233 -11.17 -1.53 -3.11
CA THR B 233 -10.15 -2.02 -4.03
C THR B 233 -8.85 -1.30 -3.80
N GLY B 234 -8.90 -0.08 -3.27
CA GLY B 234 -7.72 0.77 -3.17
C GLY B 234 -7.46 1.55 -4.46
N ALA B 235 -8.29 1.35 -5.49
CA ALA B 235 -8.08 1.92 -6.80
C ALA B 235 -8.53 3.38 -6.82
N GLY B 236 -7.73 4.22 -7.49
CA GLY B 236 -8.09 5.61 -7.71
C GLY B 236 -8.70 5.84 -9.09
N GLU B 237 -9.52 6.88 -9.19
CA GLU B 237 -10.18 7.25 -10.43
C GLU B 237 -10.54 8.74 -10.45
N LEU B 238 -10.19 9.39 -11.56
CA LEU B 238 -10.53 10.77 -11.83
C LEU B 238 -11.68 10.76 -12.85
N ARG B 239 -12.70 11.60 -12.63
CA ARG B 239 -13.79 11.76 -13.60
C ARG B 239 -13.97 13.23 -13.93
N ILE B 240 -14.28 13.52 -15.21
CA ILE B 240 -14.53 14.88 -15.70
C ILE B 240 -15.86 14.82 -16.44
N ILE B 241 -16.85 15.62 -16.04
CA ILE B 241 -18.22 15.50 -16.55
C ILE B 241 -18.80 16.91 -16.75
N GLU B 242 -19.55 17.14 -17.84
CA GLU B 242 -20.08 18.45 -18.14
C GLU B 242 -21.29 18.72 -17.24
N ILE B 243 -21.51 20.00 -16.92
CA ILE B 243 -22.71 20.42 -16.22
C ILE B 243 -23.39 21.53 -17.02
N ASP B 244 -24.74 21.47 -17.08
CA ASP B 244 -25.52 22.53 -17.69
C ASP B 244 -25.08 22.82 -19.13
N HIS B 245 -25.07 21.79 -19.99
CA HIS B 245 -24.66 21.97 -21.37
C HIS B 245 -25.65 22.85 -22.12
N ASP B 246 -25.14 23.86 -22.84
CA ASP B 246 -25.93 24.66 -23.77
C ASP B 246 -26.04 23.86 -25.07
N ALA B 247 -27.23 23.32 -25.32
CA ALA B 247 -27.50 22.39 -26.42
C ALA B 247 -27.44 23.11 -27.77
N SER B 248 -27.39 24.43 -27.78
CA SER B 248 -27.25 25.19 -29.01
C SER B 248 -25.81 25.19 -29.52
N LEU B 249 -24.85 24.83 -28.66
CA LEU B 249 -23.44 24.89 -29.02
C LEU B 249 -23.08 23.73 -29.95
N PRO B 250 -22.13 23.88 -30.91
CA PRO B 250 -21.69 22.75 -31.73
C PRO B 250 -21.09 21.58 -30.93
N SER B 251 -20.32 21.90 -29.88
CA SER B 251 -19.50 20.90 -29.20
C SER B 251 -19.90 20.80 -27.73
N GLN B 252 -19.96 19.55 -27.24
CA GLN B 252 -20.18 19.26 -25.83
C GLN B 252 -18.99 18.45 -25.32
N TYR B 253 -18.89 18.33 -24.01
CA TYR B 253 -17.80 17.61 -23.38
C TYR B 253 -18.28 16.19 -23.04
N GLN B 254 -17.70 15.18 -23.69
CA GLN B 254 -18.00 13.79 -23.36
C GLN B 254 -17.20 13.35 -22.13
N LYS B 255 -17.90 12.73 -21.16
CA LYS B 255 -17.32 12.34 -19.89
C LYS B 255 -16.01 11.58 -20.08
N GLU B 256 -15.02 11.90 -19.23
CA GLU B 256 -13.75 11.20 -19.20
C GLU B 256 -13.57 10.53 -17.84
N THR B 257 -12.98 9.33 -17.84
CA THR B 257 -12.59 8.62 -16.64
C THR B 257 -11.15 8.15 -16.83
N THR B 258 -10.29 8.46 -15.86
CA THR B 258 -8.89 8.07 -15.94
C THR B 258 -8.47 7.51 -14.59
N ASP B 259 -7.53 6.56 -14.55
CA ASP B 259 -6.99 6.08 -13.28
C ASP B 259 -6.23 7.16 -12.51
N ILE B 260 -6.25 7.07 -11.17
CA ILE B 260 -5.30 7.75 -10.32
C ILE B 260 -4.52 6.61 -9.66
N PHE B 261 -3.27 6.42 -10.10
CA PHE B 261 -2.47 5.31 -9.61
C PHE B 261 -2.08 5.53 -8.16
N PHE B 262 -2.24 4.50 -7.32
CA PHE B 262 -1.71 4.53 -5.96
C PHE B 262 -0.68 3.41 -5.83
N PRO B 263 0.53 3.71 -5.31
CA PRO B 263 1.51 2.68 -5.06
C PRO B 263 1.14 1.85 -3.85
N PRO B 264 1.80 0.70 -3.63
CA PRO B 264 1.65 -0.06 -2.40
C PRO B 264 2.27 0.70 -1.23
N ASP B 265 1.97 0.22 -0.03
CA ASP B 265 2.52 0.78 1.21
C ASP B 265 2.15 2.25 1.38
N ALA B 266 0.95 2.62 0.91
CA ALA B 266 0.40 3.94 1.10
C ALA B 266 -1.11 3.80 1.36
N THR B 267 -1.47 2.84 2.22
CA THR B 267 -2.88 2.48 2.38
C THR B 267 -3.69 3.68 2.84
N ASN B 268 -3.10 4.59 3.65
CA ASN B 268 -3.84 5.75 4.15
C ASN B 268 -3.67 7.01 3.31
N ASP B 269 -3.07 6.91 2.12
CA ASP B 269 -3.02 8.03 1.21
C ASP B 269 -4.34 8.18 0.48
N PHE B 270 -4.66 9.40 0.04
CA PHE B 270 -5.85 9.70 -0.73
C PHE B 270 -5.63 11.03 -1.47
N PRO B 271 -6.41 11.35 -2.52
CA PRO B 271 -6.35 12.66 -3.16
C PRO B 271 -6.71 13.74 -2.15
N ILE B 272 -5.84 14.75 -1.96
CA ILE B 272 -6.06 15.80 -0.98
C ILE B 272 -6.43 17.12 -1.66
N ALA B 273 -6.07 17.29 -2.93
CA ALA B 273 -6.38 18.52 -3.63
C ALA B 273 -6.43 18.30 -5.13
N VAL B 274 -7.25 19.14 -5.79
CA VAL B 274 -7.30 19.19 -7.24
C VAL B 274 -7.44 20.65 -7.64
N GLN B 275 -6.59 21.08 -8.57
CA GLN B 275 -6.63 22.44 -9.10
C GLN B 275 -6.55 22.34 -10.61
N VAL B 276 -7.08 23.34 -11.33
CA VAL B 276 -7.07 23.32 -12.78
C VAL B 276 -6.66 24.68 -13.35
N SER B 277 -5.73 24.68 -14.32
CA SER B 277 -5.48 25.83 -15.18
C SER B 277 -6.50 25.86 -16.30
N GLU B 278 -7.44 26.80 -16.25
CA GLU B 278 -8.40 27.00 -17.32
C GLU B 278 -7.67 27.40 -18.61
N LYS B 279 -6.66 28.28 -18.50
CA LYS B 279 -5.95 28.79 -19.66
C LYS B 279 -5.34 27.64 -20.48
N TYR B 280 -4.65 26.71 -19.79
CA TYR B 280 -3.88 25.67 -20.46
C TYR B 280 -4.59 24.31 -20.50
N GLY B 281 -5.69 24.20 -19.75
CA GLY B 281 -6.45 22.95 -19.68
C GLY B 281 -5.62 21.83 -19.06
N ILE B 282 -5.10 22.09 -17.85
CA ILE B 282 -4.27 21.15 -17.12
C ILE B 282 -4.85 20.93 -15.73
N ILE B 283 -4.96 19.65 -15.32
CA ILE B 283 -5.44 19.24 -14.01
C ILE B 283 -4.23 18.89 -13.17
N TYR B 284 -4.14 19.46 -11.97
CA TYR B 284 -3.13 19.12 -10.99
C TYR B 284 -3.84 18.40 -9.85
N LEU B 285 -3.50 17.13 -9.62
CA LEU B 285 -4.09 16.35 -8.53
C LEU B 285 -2.99 15.92 -7.59
N LEU B 286 -3.13 16.30 -6.30
CA LEU B 286 -2.11 16.04 -5.29
C LEU B 286 -2.68 15.08 -4.25
N THR B 287 -1.86 14.14 -3.76
CA THR B 287 -2.25 13.24 -2.69
C THR B 287 -1.68 13.76 -1.38
N LYS B 288 -2.23 13.28 -0.27
CA LYS B 288 -1.78 13.65 1.06
C LYS B 288 -0.28 13.34 1.22
N TYR B 289 0.18 12.23 0.64
CA TYR B 289 1.58 11.81 0.80
C TYR B 289 2.52 12.55 -0.16
N GLY B 290 1.98 13.47 -0.97
CA GLY B 290 2.78 14.38 -1.77
C GLY B 290 2.93 13.95 -3.24
N PHE B 291 2.21 12.89 -3.68
CA PHE B 291 2.27 12.49 -5.07
C PHE B 291 1.49 13.48 -5.94
N ILE B 292 2.08 13.87 -7.06
CA ILE B 292 1.49 14.85 -7.98
C ILE B 292 1.14 14.12 -9.27
N HIS B 293 -0.10 14.30 -9.74
CA HIS B 293 -0.58 13.70 -10.96
C HIS B 293 -1.11 14.81 -11.86
N LEU B 294 -0.56 14.93 -13.07
CA LEU B 294 -0.97 15.95 -14.03
C LEU B 294 -1.77 15.26 -15.13
N TYR B 295 -2.88 15.89 -15.54
CA TYR B 295 -3.73 15.38 -16.60
C TYR B 295 -4.10 16.53 -17.54
N GLU B 296 -4.35 16.20 -18.81
CA GLU B 296 -4.86 17.15 -19.77
C GLU B 296 -6.38 17.14 -19.61
N LEU B 297 -7.00 18.33 -19.55
CA LEU B 297 -8.40 18.46 -19.16
C LEU B 297 -9.37 17.96 -20.24
N GLU B 298 -9.08 18.25 -21.52
CA GLU B 298 -9.99 17.90 -22.60
C GLU B 298 -10.13 16.38 -22.74
N THR B 299 -9.01 15.63 -22.59
CA THR B 299 -8.99 14.20 -22.88
C THR B 299 -8.94 13.38 -21.59
N GLY B 300 -8.58 14.02 -20.46
CA GLY B 300 -8.36 13.28 -19.23
C GLY B 300 -7.04 12.50 -19.23
N THR B 301 -6.21 12.69 -20.26
CA THR B 301 -4.99 11.91 -20.41
C THR B 301 -4.00 12.26 -19.31
N ASN B 302 -3.44 11.23 -18.65
CA ASN B 302 -2.39 11.47 -17.67
C ASN B 302 -1.09 11.85 -18.37
N LEU B 303 -0.44 12.92 -17.91
CA LEU B 303 0.81 13.40 -18.49
C LEU B 303 2.00 12.78 -17.75
N PHE B 304 1.92 12.73 -16.41
CA PHE B 304 2.92 12.10 -15.57
C PHE B 304 2.41 11.99 -14.14
N VAL B 305 3.08 11.14 -13.37
CA VAL B 305 2.93 11.03 -11.92
C VAL B 305 4.34 11.11 -11.32
N ASN B 306 4.51 12.01 -10.34
CA ASN B 306 5.78 12.16 -9.64
C ASN B 306 5.44 12.48 -8.19
N ARG B 307 6.34 13.10 -7.43
CA ARG B 307 6.09 13.39 -6.04
C ARG B 307 6.82 14.70 -5.69
N ILE B 308 6.11 15.66 -5.08
CA ILE B 308 6.61 16.99 -4.81
C ILE B 308 7.29 17.07 -3.45
N THR B 309 6.89 16.21 -2.51
CA THR B 309 7.40 16.22 -1.15
C THR B 309 7.17 14.83 -0.55
N ALA B 310 7.99 14.45 0.43
CA ALA B 310 7.75 13.23 1.19
C ALA B 310 7.06 13.54 2.53
N GLU B 311 6.96 14.83 2.88
CA GLU B 311 6.25 15.26 4.06
C GLU B 311 4.77 15.43 3.71
N SER B 312 3.88 14.93 4.58
CA SER B 312 2.45 14.92 4.28
C SER B 312 1.94 16.34 4.05
N VAL B 313 1.04 16.49 3.08
CA VAL B 313 0.41 17.75 2.74
C VAL B 313 -0.88 17.83 3.55
N PHE B 314 -1.24 19.03 4.02
CA PHE B 314 -2.50 19.19 4.76
C PHE B 314 -3.44 20.21 4.12
N THR B 315 -2.97 21.04 3.18
CA THR B 315 -3.83 21.99 2.47
C THR B 315 -3.18 22.40 1.16
N ALA B 316 -3.97 22.98 0.28
CA ALA B 316 -3.49 23.38 -1.05
C ALA B 316 -4.40 24.46 -1.62
N ALA B 317 -3.95 25.13 -2.68
CA ALA B 317 -4.70 26.20 -3.30
C ALA B 317 -4.21 26.42 -4.71
N PRO B 318 -4.88 27.26 -5.54
CA PRO B 318 -4.32 27.58 -6.85
C PRO B 318 -3.04 28.38 -6.70
N TYR B 319 -2.19 28.36 -7.73
CA TYR B 319 -0.94 29.10 -7.74
C TYR B 319 -0.81 29.88 -9.06
N ASN B 320 -0.30 31.13 -8.96
CA ASN B 320 0.23 31.88 -10.09
C ASN B 320 -0.86 32.12 -11.14
N HIS B 321 -1.81 33.00 -10.77
CA HIS B 321 -2.92 33.34 -11.64
C HIS B 321 -3.64 32.03 -11.97
N GLU B 322 -3.79 31.17 -10.95
CA GLU B 322 -4.51 29.91 -11.01
C GLU B 322 -4.08 29.05 -12.19
N ASN B 323 -2.80 29.12 -12.59
CA ASN B 323 -2.26 28.30 -13.64
C ASN B 323 -1.59 27.04 -13.08
N GLY B 324 -1.38 26.97 -11.76
CA GLY B 324 -0.69 25.85 -11.13
C GLY B 324 -1.32 25.48 -9.78
N ILE B 325 -0.57 24.75 -8.93
CA ILE B 325 -1.04 24.33 -7.62
C ILE B 325 0.04 24.67 -6.58
N ALA B 326 -0.39 25.10 -5.39
CA ALA B 326 0.48 25.31 -4.25
C ALA B 326 -0.07 24.49 -3.08
N CYS B 327 0.81 24.04 -2.18
CA CYS B 327 0.40 23.26 -1.03
C CYS B 327 1.28 23.60 0.17
N ILE B 328 0.82 23.17 1.36
CA ILE B 328 1.60 23.27 2.59
C ILE B 328 1.79 21.88 3.19
N ASN B 329 3.05 21.52 3.53
CA ASN B 329 3.36 20.22 4.12
C ASN B 329 3.55 20.35 5.63
N LYS B 330 3.72 19.23 6.32
CA LYS B 330 3.81 19.17 7.77
C LYS B 330 5.15 19.67 8.30
N LYS B 331 6.08 20.04 7.42
CA LYS B 331 7.30 20.73 7.82
C LYS B 331 7.17 22.24 7.66
N GLY B 332 6.05 22.72 7.12
CA GLY B 332 5.82 24.15 6.98
C GLY B 332 6.32 24.70 5.64
N GLN B 333 6.67 23.82 4.71
CA GLN B 333 7.07 24.25 3.38
C GLN B 333 5.83 24.57 2.57
N VAL B 334 5.84 25.74 1.89
CA VAL B 334 4.82 26.08 0.92
C VAL B 334 5.43 25.83 -0.45
N LEU B 335 5.00 24.74 -1.13
CA LEU B 335 5.59 24.31 -2.39
C LEU B 335 4.60 24.55 -3.53
N ALA B 336 5.10 24.95 -4.71
CA ALA B 336 4.24 25.29 -5.84
C ALA B 336 4.76 24.60 -7.11
N VAL B 337 3.81 24.20 -7.98
CA VAL B 337 4.14 23.60 -9.26
C VAL B 337 3.24 24.20 -10.33
N GLU B 338 3.76 24.39 -11.55
CA GLU B 338 2.93 24.78 -12.69
C GLU B 338 3.63 24.24 -13.94
N ILE B 339 2.86 24.01 -15.01
CA ILE B 339 3.44 23.53 -16.26
C ILE B 339 4.42 24.56 -16.80
N SER B 340 5.51 24.11 -17.46
CA SER B 340 6.36 24.93 -18.30
C SER B 340 5.67 25.15 -19.65
N THR B 341 5.36 26.41 -19.96
CA THR B 341 4.71 26.77 -21.22
C THR B 341 5.58 26.40 -22.42
N SER B 342 6.91 26.39 -22.24
CA SER B 342 7.83 26.21 -23.36
C SER B 342 8.16 24.73 -23.60
N GLN B 343 8.00 23.87 -22.58
CA GLN B 343 8.47 22.50 -22.67
C GLN B 343 7.34 21.47 -22.67
N ILE B 344 6.11 21.84 -22.30
CA ILE B 344 5.01 20.86 -22.24
C ILE B 344 4.75 20.23 -23.62
N VAL B 345 4.72 21.03 -24.70
CA VAL B 345 4.40 20.47 -26.00
C VAL B 345 5.53 19.55 -26.45
N PRO B 346 6.80 19.97 -26.42
CA PRO B 346 7.91 19.05 -26.68
C PRO B 346 7.86 17.76 -25.86
N TYR B 347 7.42 17.85 -24.59
CA TYR B 347 7.32 16.68 -23.74
C TYR B 347 6.29 15.69 -24.29
N ILE B 348 5.10 16.19 -24.64
CA ILE B 348 4.03 15.32 -25.11
C ILE B 348 4.42 14.67 -26.45
N LEU B 349 5.04 15.41 -27.38
CA LEU B 349 5.63 14.86 -28.60
C LEU B 349 6.74 13.85 -28.37
N ASN B 350 7.64 14.14 -27.52
CA ASN B 350 8.81 13.31 -27.61
C ASN B 350 8.73 12.20 -26.58
N LYS B 351 8.35 12.55 -25.35
CA LYS B 351 8.30 11.57 -24.26
C LYS B 351 7.03 10.71 -24.36
N LEU B 352 5.86 11.32 -24.61
CA LEU B 352 4.62 10.56 -24.75
C LEU B 352 4.37 10.12 -26.19
N SER B 353 5.13 10.68 -27.15
CA SER B 353 4.99 10.35 -28.56
C SER B 353 3.53 10.44 -29.01
N ASN B 354 2.85 11.54 -28.68
CA ASN B 354 1.42 11.69 -28.94
C ASN B 354 1.18 13.02 -29.64
N VAL B 355 1.17 13.00 -30.98
CA VAL B 355 1.07 14.22 -31.78
C VAL B 355 -0.29 14.89 -31.57
N ALA B 356 -1.36 14.08 -31.54
CA ALA B 356 -2.69 14.66 -31.41
C ALA B 356 -2.82 15.44 -30.10
N LEU B 357 -2.37 14.85 -28.98
CA LEU B 357 -2.49 15.49 -27.68
C LEU B 357 -1.60 16.74 -27.62
N ALA B 358 -0.39 16.64 -28.21
CA ALA B 358 0.52 17.77 -28.28
C ALA B 358 -0.17 18.94 -28.99
N LEU B 359 -0.90 18.65 -30.06
CA LEU B 359 -1.61 19.68 -30.81
C LEU B 359 -2.77 20.27 -30.01
N ILE B 360 -3.48 19.43 -29.25
CA ILE B 360 -4.59 19.91 -28.41
C ILE B 360 -4.06 20.96 -27.44
N VAL B 361 -2.95 20.62 -26.77
CA VAL B 361 -2.36 21.48 -25.75
C VAL B 361 -1.79 22.75 -26.39
N ALA B 362 -1.06 22.61 -27.51
CA ALA B 362 -0.44 23.73 -28.20
C ALA B 362 -1.48 24.73 -28.66
N THR B 363 -2.58 24.20 -29.21
CA THR B 363 -3.64 25.03 -29.79
C THR B 363 -4.36 25.78 -28.67
N ARG B 364 -4.71 25.08 -27.58
CA ARG B 364 -5.46 25.71 -26.49
C ARG B 364 -4.65 26.85 -25.88
N GLY B 365 -3.35 26.62 -25.64
CA GLY B 365 -2.52 27.55 -24.89
C GLY B 365 -1.75 28.54 -25.76
N GLY B 366 -1.79 28.36 -27.09
CA GLY B 366 -0.94 29.12 -28.00
C GLY B 366 0.54 28.89 -27.72
N LEU B 367 0.93 27.63 -27.48
CA LEU B 367 2.29 27.32 -27.00
C LEU B 367 3.22 26.95 -28.16
N PRO B 368 4.57 27.05 -27.95
CA PRO B 368 5.54 26.58 -28.93
C PRO B 368 5.82 25.08 -28.88
N GLY B 369 6.29 24.52 -30.00
CA GLY B 369 6.87 23.19 -30.04
C GLY B 369 6.31 22.32 -31.15
N ALA B 370 5.21 22.77 -31.77
CA ALA B 370 4.47 21.98 -32.75
C ALA B 370 4.21 22.80 -34.03
N ASP C 7 -14.08 8.14 24.67
CA ASP C 7 -14.81 7.52 23.53
C ASP C 7 -14.01 6.40 22.87
N LEU C 8 -12.78 6.13 23.31
CA LEU C 8 -11.94 5.07 22.75
C LEU C 8 -12.18 3.75 23.49
N PRO C 9 -11.91 2.58 22.85
CA PRO C 9 -12.16 1.28 23.46
C PRO C 9 -11.01 0.80 24.36
N ILE C 10 -10.68 1.62 25.36
CA ILE C 10 -9.65 1.28 26.33
C ILE C 10 -10.11 1.73 27.71
N GLU C 11 -9.56 1.08 28.75
CA GLU C 11 -9.75 1.51 30.13
C GLU C 11 -8.47 2.21 30.57
N PHE C 12 -8.60 3.42 31.12
CA PHE C 12 -7.47 4.24 31.49
C PHE C 12 -7.55 4.49 33.00
N THR C 13 -6.47 4.18 33.73
CA THR C 13 -6.47 4.19 35.19
C THR C 13 -5.15 4.78 35.69
N GLU C 14 -5.21 5.52 36.80
CA GLU C 14 -4.02 5.87 37.55
C GLU C 14 -3.87 4.85 38.67
N LEU C 15 -2.78 4.08 38.64
CA LEU C 15 -2.51 3.07 39.65
C LEU C 15 -2.08 3.71 40.97
N VAL C 16 -1.24 4.74 40.90
CA VAL C 16 -0.76 5.44 42.09
C VAL C 16 -0.19 6.78 41.63
N ASP C 17 -0.23 7.77 42.53
CA ASP C 17 0.56 8.99 42.36
C ASP C 17 1.72 8.95 43.35
N LEU C 18 2.95 8.79 42.87
CA LEU C 18 4.10 8.59 43.74
C LEU C 18 4.36 9.84 44.62
N MET C 19 4.06 11.02 44.09
CA MET C 19 4.29 12.26 44.83
C MET C 19 3.32 12.31 46.01
N SER C 20 2.15 11.67 45.88
CA SER C 20 1.17 11.60 46.96
C SER C 20 1.69 10.75 48.12
N LEU C 21 2.62 9.84 47.83
CA LEU C 21 3.21 8.95 48.82
C LEU C 21 4.43 9.58 49.48
N GLY C 22 4.77 10.82 49.10
CA GLY C 22 5.87 11.53 49.72
C GLY C 22 7.17 11.41 48.93
N ILE C 23 7.12 10.83 47.73
CA ILE C 23 8.31 10.66 46.91
C ILE C 23 8.67 11.99 46.28
N SER C 24 9.97 12.36 46.35
CA SER C 24 10.42 13.61 45.78
C SER C 24 10.45 13.52 44.25
N PRO C 25 10.03 14.58 43.51
CA PRO C 25 10.12 14.57 42.06
C PRO C 25 11.54 14.51 41.53
N GLN C 26 12.52 14.89 42.36
CA GLN C 26 13.93 14.80 42.03
C GLN C 26 14.35 13.40 41.53
N PHE C 27 13.67 12.35 42.02
CA PHE C 27 14.11 10.98 41.77
C PHE C 27 13.27 10.27 40.72
N LEU C 28 12.39 11.03 40.04
CA LEU C 28 11.50 10.47 39.03
C LEU C 28 12.22 10.49 37.70
N ASP C 29 13.19 9.58 37.57
CA ASP C 29 14.05 9.52 36.39
C ASP C 29 14.39 8.05 36.11
N PHE C 30 14.91 7.80 34.91
CA PHE C 30 15.11 6.44 34.41
C PHE C 30 16.01 5.62 35.34
N ARG C 31 17.04 6.25 35.91
CA ARG C 31 18.02 5.52 36.70
C ARG C 31 17.57 5.30 38.14
N SER C 32 16.67 6.16 38.64
CA SER C 32 16.31 6.19 40.06
C SER C 32 15.00 5.48 40.35
N THR C 33 13.99 5.62 39.46
CA THR C 33 12.67 5.03 39.67
C THR C 33 12.51 3.91 38.65
N THR C 34 12.64 2.65 39.08
CA THR C 34 12.66 1.50 38.18
C THR C 34 11.34 0.75 38.21
N PHE C 35 10.98 0.14 37.06
CA PHE C 35 9.65 -0.43 36.85
C PHE C 35 9.75 -1.67 35.96
N GLU C 36 9.87 -2.86 36.58
CA GLU C 36 10.06 -4.11 35.88
C GLU C 36 8.71 -4.79 35.56
N SER C 37 7.67 -4.42 36.30
CA SER C 37 6.33 -4.96 36.15
C SER C 37 5.35 -4.03 36.86
N ASP C 38 4.06 -4.30 36.67
CA ASP C 38 2.99 -3.56 37.31
C ASP C 38 2.81 -3.93 38.80
N HIS C 39 3.65 -4.82 39.34
CA HIS C 39 3.59 -5.20 40.74
C HIS C 39 4.27 -4.19 41.66
N PHE C 40 5.39 -3.61 41.21
CA PHE C 40 6.20 -2.78 42.08
C PHE C 40 6.79 -1.59 41.33
N VAL C 41 7.03 -0.52 42.10
CA VAL C 41 7.88 0.60 41.66
C VAL C 41 8.98 0.70 42.72
N THR C 42 10.24 0.80 42.31
CA THR C 42 11.37 0.97 43.23
C THR C 42 11.97 2.36 43.03
N VAL C 43 11.89 3.23 44.06
CA VAL C 43 12.39 4.59 43.94
C VAL C 43 13.63 4.78 44.82
N ARG C 44 14.82 4.94 44.23
CA ARG C 44 16.02 5.30 44.96
C ARG C 44 16.00 6.80 45.26
N GLU C 45 16.03 7.16 46.54
CA GLU C 45 16.08 8.55 46.97
C GLU C 45 17.43 8.77 47.63
N THR C 46 18.23 9.71 47.12
CA THR C 46 19.54 10.00 47.65
C THR C 46 19.38 11.18 48.59
N LYS C 47 19.30 10.90 49.90
CA LYS C 47 19.07 11.90 50.95
C LYS C 47 19.47 11.33 52.32
N ASP C 48 19.67 12.22 53.31
CA ASP C 48 20.04 11.86 54.67
C ASP C 48 21.33 11.02 54.73
N GLY C 49 22.30 11.32 53.84
CA GLY C 49 23.62 10.69 53.88
C GLY C 49 23.67 9.26 53.35
N THR C 50 22.57 8.76 52.74
CA THR C 50 22.56 7.44 52.18
C THR C 50 21.60 7.42 51.00
N ASN C 51 21.47 6.27 50.38
CA ASN C 51 20.35 5.99 49.50
C ASN C 51 19.27 5.37 50.37
N SER C 52 18.02 5.72 50.10
CA SER C 52 16.86 5.14 50.76
C SER C 52 15.91 4.66 49.66
N VAL C 53 15.63 3.35 49.62
CA VAL C 53 14.80 2.80 48.57
C VAL C 53 13.38 2.70 49.09
N ALA C 54 12.42 3.23 48.32
CA ALA C 54 11.00 3.07 48.58
C ALA C 54 10.44 2.04 47.61
N ILE C 55 9.99 0.89 48.13
CA ILE C 55 9.32 -0.14 47.36
C ILE C 55 7.81 0.08 47.46
N VAL C 56 7.19 0.45 46.33
CA VAL C 56 5.75 0.65 46.26
C VAL C 56 5.14 -0.63 45.71
N ASP C 57 4.33 -1.32 46.52
CA ASP C 57 3.67 -2.55 46.11
C ASP C 57 2.30 -2.21 45.56
N LEU C 58 2.21 -2.13 44.23
CA LEU C 58 0.98 -1.74 43.54
C LEU C 58 -0.08 -2.84 43.68
N ALA C 59 0.34 -4.06 44.00
CA ALA C 59 -0.56 -5.19 44.20
C ALA C 59 -1.16 -5.22 45.60
N LYS C 60 -0.59 -4.45 46.55
CA LYS C 60 -1.13 -4.35 47.91
C LYS C 60 -1.45 -2.91 48.29
N GLY C 61 -2.29 -2.24 47.47
CA GLY C 61 -2.80 -0.92 47.80
C GLY C 61 -1.71 0.14 47.95
N ASN C 62 -0.63 0.03 47.17
CA ASN C 62 0.44 1.02 47.10
C ASN C 62 1.18 1.11 48.43
N GLU C 63 1.25 0.00 49.15
CA GLU C 63 1.98 -0.07 50.40
C GLU C 63 3.45 0.27 50.14
N VAL C 64 4.03 1.14 50.99
CA VAL C 64 5.40 1.61 50.84
C VAL C 64 6.29 0.93 51.87
N THR C 65 7.40 0.33 51.41
CA THR C 65 8.42 -0.24 52.28
C THR C 65 9.70 0.56 52.02
N ARG C 66 10.29 1.14 53.07
CA ARG C 66 11.49 1.94 52.91
C ARG C 66 12.67 1.24 53.56
N LYS C 67 13.81 1.16 52.86
CA LYS C 67 15.00 0.48 53.37
C LYS C 67 16.26 1.28 53.03
N ASN C 68 17.19 1.45 53.97
CA ASN C 68 18.47 2.04 53.65
C ASN C 68 19.20 1.14 52.66
N MET C 69 19.88 1.74 51.67
CA MET C 69 20.62 1.00 50.66
C MET C 69 22.04 1.55 50.55
N GLY C 70 23.05 0.74 50.92
CA GLY C 70 24.45 1.08 50.72
C GLY C 70 24.84 0.99 49.24
N GLY C 71 24.09 0.18 48.48
CA GLY C 71 24.32 0.04 47.05
C GLY C 71 23.87 1.29 46.29
N ASP C 72 23.93 1.24 44.96
CA ASP C 72 23.72 2.39 44.09
C ASP C 72 22.45 2.31 43.25
N SER C 73 21.97 1.10 42.97
CA SER C 73 20.91 0.91 41.98
C SER C 73 20.13 -0.35 42.31
N ALA C 74 18.79 -0.33 42.14
CA ALA C 74 17.98 -1.45 42.58
C ALA C 74 16.74 -1.66 41.69
N ILE C 75 16.40 -2.93 41.48
CA ILE C 75 15.17 -3.31 40.77
C ILE C 75 14.48 -4.43 41.55
N MET C 76 13.17 -4.50 41.43
CA MET C 76 12.38 -5.57 41.99
C MET C 76 12.09 -6.62 40.91
N HIS C 77 11.82 -7.84 41.36
CA HIS C 77 11.40 -8.92 40.46
C HIS C 77 10.02 -8.60 39.91
N PRO C 78 9.60 -9.17 38.76
CA PRO C 78 8.27 -8.97 38.22
C PRO C 78 7.10 -9.33 39.16
N SER C 79 7.25 -10.37 39.97
CA SER C 79 6.13 -10.93 40.71
C SER C 79 6.49 -11.25 42.17
N GLN C 80 7.77 -11.55 42.46
CA GLN C 80 8.19 -11.98 43.78
C GLN C 80 8.89 -10.87 44.55
N MET C 81 9.00 -11.08 45.86
CA MET C 81 9.53 -10.09 46.80
C MET C 81 11.04 -10.22 46.84
N VAL C 82 11.68 -10.00 45.68
CA VAL C 82 13.09 -10.27 45.47
C VAL C 82 13.68 -8.98 44.90
N ILE C 83 14.64 -8.38 45.63
CA ILE C 83 15.28 -7.15 45.20
C ILE C 83 16.71 -7.44 44.74
N SER C 84 17.12 -6.76 43.67
CA SER C 84 18.45 -6.92 43.09
C SER C 84 19.14 -5.57 43.21
N VAL C 85 20.33 -5.55 43.80
CA VAL C 85 21.05 -4.34 44.13
C VAL C 85 22.48 -4.47 43.60
N ARG C 86 23.01 -3.39 43.03
CA ARG C 86 24.39 -3.35 42.55
C ARG C 86 25.10 -2.13 43.14
N ALA C 87 26.42 -2.21 43.27
CA ALA C 87 27.24 -1.12 43.81
C ALA C 87 28.55 -1.04 43.01
N ASN C 88 28.91 0.18 42.61
CA ASN C 88 30.13 0.46 41.85
C ASN C 88 30.15 -0.38 40.56
N GLY C 89 28.95 -0.70 40.05
CA GLY C 89 28.76 -1.47 38.82
C GLY C 89 29.15 -2.96 38.93
N THR C 90 30.09 -3.33 39.80
CA THR C 90 30.66 -4.68 39.79
C THR C 90 30.04 -5.58 40.86
N ILE C 91 29.70 -5.04 42.03
CA ILE C 91 29.21 -5.84 43.13
C ILE C 91 27.70 -5.98 43.01
N VAL C 92 27.20 -7.22 43.02
CA VAL C 92 25.77 -7.49 42.88
C VAL C 92 25.32 -8.36 44.06
N GLN C 93 24.19 -8.00 44.67
CA GLN C 93 23.58 -8.85 45.69
C GLN C 93 22.08 -8.88 45.41
N ILE C 94 21.48 -10.07 45.51
CA ILE C 94 20.05 -10.25 45.30
C ILE C 94 19.48 -10.90 46.55
N PHE C 95 18.38 -10.36 47.07
CA PHE C 95 17.83 -10.79 48.35
C PHE C 95 16.34 -11.07 48.24
N ASN C 96 15.87 -12.14 48.90
CA ASN C 96 14.45 -12.30 49.16
C ASN C 96 14.11 -11.46 50.39
N LEU C 97 13.24 -10.46 50.24
CA LEU C 97 12.90 -9.53 51.31
C LEU C 97 12.11 -10.20 52.43
N GLU C 98 11.35 -11.25 52.12
CA GLU C 98 10.50 -11.91 53.09
C GLU C 98 11.33 -12.81 54.00
N THR C 99 12.25 -13.60 53.43
CA THR C 99 13.07 -14.53 54.18
C THR C 99 14.39 -13.89 54.58
N LYS C 100 14.71 -12.74 53.97
CA LYS C 100 15.96 -12.02 54.17
C LYS C 100 17.13 -12.89 53.72
N SER C 101 16.90 -13.85 52.82
CA SER C 101 17.95 -14.73 52.35
C SER C 101 18.65 -14.10 51.13
N LYS C 102 19.97 -14.30 51.05
CA LYS C 102 20.73 -13.80 49.92
C LYS C 102 20.76 -14.86 48.82
N LEU C 103 20.08 -14.60 47.71
CA LEU C 103 19.99 -15.53 46.61
C LEU C 103 21.26 -15.51 45.77
N LYS C 104 21.86 -14.33 45.64
CA LYS C 104 23.07 -14.16 44.84
C LYS C 104 23.99 -13.11 45.46
N SER C 105 25.30 -13.34 45.34
CA SER C 105 26.31 -12.39 45.75
C SER C 105 27.58 -12.70 44.97
N PHE C 106 28.01 -11.76 44.12
CA PHE C 106 29.19 -11.97 43.29
C PHE C 106 29.71 -10.61 42.82
N THR C 107 30.92 -10.60 42.26
CA THR C 107 31.50 -9.43 41.65
C THR C 107 31.76 -9.73 40.18
N LEU C 108 31.20 -8.90 39.29
CA LEU C 108 31.47 -9.02 37.86
C LEU C 108 32.85 -8.44 37.56
N ASP C 109 33.43 -8.89 36.44
CA ASP C 109 34.76 -8.43 36.01
C ASP C 109 34.62 -7.12 35.26
N GLU C 110 33.43 -6.84 34.70
CA GLU C 110 33.12 -5.60 34.02
C GLU C 110 31.91 -4.95 34.70
N PRO C 111 31.88 -3.63 34.91
CA PRO C 111 30.70 -2.99 35.50
C PRO C 111 29.40 -3.20 34.73
N VAL C 112 28.30 -3.49 35.44
CA VAL C 112 26.97 -3.58 34.84
C VAL C 112 26.52 -2.15 34.60
N ILE C 113 26.08 -1.83 33.37
CA ILE C 113 25.58 -0.49 33.03
C ILE C 113 24.06 -0.52 32.82
N PHE C 114 23.47 -1.70 32.64
CA PHE C 114 22.03 -1.82 32.54
C PHE C 114 21.65 -3.23 32.94
N TRP C 115 20.52 -3.41 33.64
CA TRP C 115 20.00 -4.74 33.89
C TRP C 115 18.47 -4.72 33.86
N ARG C 116 17.87 -5.90 33.67
CA ARG C 116 16.42 -6.02 33.56
C ARG C 116 16.03 -7.49 33.59
N TRP C 117 14.99 -7.83 34.33
CA TRP C 117 14.44 -9.17 34.30
C TRP C 117 13.96 -9.55 32.90
N LEU C 118 14.52 -10.63 32.33
CA LEU C 118 14.14 -11.14 31.02
C LEU C 118 12.94 -12.08 31.13
N SER C 119 12.81 -12.74 32.29
CA SER C 119 11.78 -13.73 32.57
C SER C 119 11.57 -13.76 34.09
N GLU C 120 10.69 -14.64 34.58
CA GLU C 120 10.50 -14.84 36.00
C GLU C 120 11.71 -15.52 36.66
N THR C 121 12.61 -16.12 35.85
CA THR C 121 13.76 -16.84 36.38
C THR C 121 15.07 -16.14 36.08
N THR C 122 15.11 -15.32 35.00
CA THR C 122 16.38 -14.88 34.43
C THR C 122 16.53 -13.36 34.44
N LEU C 123 17.67 -12.91 34.98
CA LEU C 123 18.07 -11.51 35.05
C LEU C 123 19.14 -11.24 33.99
N GLY C 124 18.91 -10.22 33.16
CA GLY C 124 19.81 -9.87 32.06
C GLY C 124 20.71 -8.71 32.47
N PHE C 125 21.98 -8.79 32.06
CA PHE C 125 22.98 -7.80 32.40
C PHE C 125 23.64 -7.31 31.11
N VAL C 126 23.94 -6.01 31.02
CA VAL C 126 24.72 -5.44 29.94
C VAL C 126 25.87 -4.65 30.57
N THR C 127 27.10 -4.93 30.11
CA THR C 127 28.28 -4.18 30.53
C THR C 127 28.71 -3.32 29.34
N ALA C 128 29.84 -2.62 29.50
CA ALA C 128 30.40 -1.82 28.42
C ALA C 128 30.65 -2.67 27.18
N ARG C 129 30.98 -3.96 27.34
CA ARG C 129 31.45 -4.79 26.23
C ARG C 129 30.64 -6.07 26.02
N SER C 130 29.78 -6.47 26.98
CA SER C 130 29.19 -7.81 26.96
C SER C 130 27.72 -7.82 27.37
N ILE C 131 27.06 -8.97 27.14
CA ILE C 131 25.69 -9.21 27.50
C ILE C 131 25.67 -10.56 28.24
N LEU C 132 25.11 -10.61 29.46
CA LEU C 132 25.12 -11.82 30.29
C LEU C 132 23.72 -12.08 30.83
N THR C 133 23.46 -13.33 31.27
CA THR C 133 22.19 -13.67 31.90
C THR C 133 22.47 -14.54 33.12
N SER C 134 21.57 -14.49 34.10
CA SER C 134 21.70 -15.20 35.36
C SER C 134 20.39 -15.90 35.70
N ASN C 135 20.45 -17.20 35.99
CA ASN C 135 19.33 -17.90 36.61
C ASN C 135 19.41 -17.57 38.09
N VAL C 136 18.69 -16.55 38.54
CA VAL C 136 18.84 -16.05 39.90
C VAL C 136 18.35 -17.09 40.91
N PHE C 137 17.47 -18.01 40.49
CA PHE C 137 16.87 -19.01 41.38
C PHE C 137 17.53 -20.39 41.22
N ASP C 138 18.79 -20.43 40.76
CA ASP C 138 19.56 -21.65 40.61
C ASP C 138 20.05 -22.21 41.95
N GLY C 139 19.92 -21.46 43.05
CA GLY C 139 20.36 -21.92 44.37
C GLY C 139 21.88 -21.90 44.54
N ASN C 140 22.57 -21.15 43.68
CA ASN C 140 24.03 -21.11 43.60
C ASN C 140 24.44 -19.67 43.85
N VAL C 141 24.59 -19.30 45.13
CA VAL C 141 24.71 -17.89 45.51
C VAL C 141 25.87 -17.19 44.80
N ASN C 142 27.02 -17.85 44.65
CA ASN C 142 28.21 -17.17 44.13
C ASN C 142 28.37 -17.28 42.63
N ALA C 143 27.52 -18.08 41.98
CA ALA C 143 27.65 -18.34 40.55
C ALA C 143 27.36 -17.06 39.75
N LYS C 144 28.37 -16.59 39.01
CA LYS C 144 28.28 -15.34 38.28
C LYS C 144 27.37 -15.53 37.06
N PRO C 145 26.88 -14.44 36.43
CA PRO C 145 26.12 -14.56 35.19
C PRO C 145 26.93 -15.18 34.07
N GLN C 146 26.26 -15.98 33.23
CA GLN C 146 26.87 -16.61 32.09
C GLN C 146 26.85 -15.64 30.91
N LEU C 147 27.98 -15.52 30.20
CA LEU C 147 28.06 -14.68 29.02
C LEU C 147 27.08 -15.22 27.98
N LEU C 148 26.30 -14.33 27.36
CA LEU C 148 25.45 -14.66 26.23
C LEU C 148 26.23 -14.40 24.95
N THR C 149 26.70 -13.15 24.79
CA THR C 149 27.43 -12.74 23.61
C THR C 149 28.03 -11.37 23.90
N LEU C 150 28.99 -10.95 23.07
CA LEU C 150 29.53 -9.61 23.15
C LEU C 150 28.58 -8.64 22.47
N ARG C 151 28.61 -7.38 22.93
CA ARG C 151 27.83 -6.33 22.30
C ARG C 151 28.33 -6.06 20.89
N HIS C 152 27.40 -5.72 19.99
CA HIS C 152 27.71 -5.30 18.63
C HIS C 152 28.22 -3.86 18.66
N ALA C 153 29.15 -3.51 17.76
CA ALA C 153 29.78 -2.20 17.73
C ALA C 153 28.78 -1.06 17.50
N ASN C 154 27.61 -1.34 16.91
CA ASN C 154 26.62 -0.31 16.62
C ASN C 154 26.02 0.25 17.92
N LEU C 155 26.16 -0.48 19.03
CA LEU C 155 25.70 -0.01 20.33
C LEU C 155 26.77 0.85 21.02
N ASN C 156 27.96 0.98 20.42
CA ASN C 156 29.03 1.79 21.01
C ASN C 156 28.52 3.22 21.22
N ASN C 157 28.85 3.80 22.36
CA ASN C 157 28.54 5.18 22.70
C ASN C 157 27.03 5.45 22.74
N THR C 158 26.22 4.42 23.02
CA THR C 158 24.79 4.58 23.23
C THR C 158 24.48 4.44 24.72
N GLN C 159 23.31 4.91 25.13
CA GLN C 159 22.77 4.65 26.46
C GLN C 159 21.90 3.40 26.30
N ILE C 160 22.28 2.29 26.95
CA ILE C 160 21.48 1.08 26.90
C ILE C 160 20.22 1.32 27.73
N ILE C 161 19.03 1.09 27.14
CA ILE C 161 17.77 1.41 27.79
C ILE C 161 16.82 0.20 27.85
N ASN C 162 17.14 -0.92 27.18
CA ASN C 162 16.31 -2.12 27.27
C ASN C 162 17.09 -3.36 26.88
N PHE C 163 16.59 -4.50 27.38
CA PHE C 163 17.11 -5.82 27.12
C PHE C 163 15.93 -6.77 27.28
N VAL C 164 15.52 -7.41 26.18
CA VAL C 164 14.34 -8.27 26.15
C VAL C 164 14.71 -9.60 25.50
N ALA C 165 13.83 -10.59 25.69
CA ALA C 165 14.05 -11.93 25.16
C ALA C 165 12.69 -12.58 24.91
N ASN C 166 12.71 -13.70 24.17
CA ASN C 166 11.51 -14.48 23.93
C ASN C 166 11.32 -15.44 25.10
N LYS C 167 10.19 -16.15 25.10
CA LYS C 167 9.87 -17.08 26.19
C LYS C 167 10.91 -18.22 26.24
N ASN C 168 11.43 -18.59 25.06
CA ASN C 168 12.35 -19.71 24.95
C ASN C 168 13.77 -19.31 25.37
N LEU C 169 14.01 -18.03 25.67
CA LEU C 169 15.33 -17.52 26.01
C LEU C 169 16.38 -18.03 25.01
N ASP C 170 16.07 -17.90 23.72
CA ASP C 170 17.04 -18.20 22.66
C ASP C 170 17.11 -17.05 21.65
N TRP C 171 16.24 -16.03 21.80
CA TRP C 171 16.26 -14.81 21.00
C TRP C 171 16.27 -13.62 21.95
N PHE C 172 17.11 -12.62 21.68
CA PHE C 172 17.37 -11.51 22.59
C PHE C 172 17.52 -10.22 21.79
N ALA C 173 17.24 -9.08 22.41
CA ALA C 173 17.42 -7.78 21.79
C ALA C 173 17.85 -6.77 22.85
N VAL C 174 18.93 -6.02 22.58
CA VAL C 174 19.46 -4.98 23.44
C VAL C 174 19.28 -3.65 22.70
N VAL C 175 18.73 -2.64 23.39
CA VAL C 175 18.36 -1.38 22.78
C VAL C 175 19.25 -0.28 23.38
N GLY C 176 19.82 0.58 22.52
C GLY C 176 20.10 2.97 22.17
N ILE C 177 20.23 4.16 22.77
CA ILE C 177 19.89 5.41 22.10
C ILE C 177 21.09 6.36 22.12
N LEU C 178 21.16 7.26 21.14
CA LEU C 178 22.28 8.18 21.00
C LEU C 178 21.79 9.41 20.26
N GLN C 179 22.48 10.54 20.45
CA GLN C 179 22.12 11.80 19.80
C GLN C 179 22.69 11.77 18.38
N GLU C 180 21.87 12.17 17.40
CA GLU C 180 22.19 12.12 15.98
C GLU C 180 21.19 13.04 15.26
N ASN C 181 21.69 13.97 14.44
CA ASN C 181 20.85 14.90 13.67
C ASN C 181 20.06 15.81 14.62
N GLY C 182 20.61 16.04 15.82
CA GLY C 182 19.96 16.85 16.84
C GLY C 182 18.77 16.14 17.46
N ARG C 183 18.60 14.84 17.14
CA ARG C 183 17.47 14.04 17.58
C ARG C 183 18.02 12.89 18.41
N ILE C 184 17.13 11.95 18.79
CA ILE C 184 17.54 10.74 19.48
C ILE C 184 17.33 9.58 18.52
N ALA C 185 18.42 8.91 18.15
CA ALA C 185 18.37 7.73 17.30
C ALA C 185 18.40 6.49 18.18
N GLY C 186 17.88 5.39 17.64
CA GLY C 186 17.88 4.13 18.36
C GLY C 186 18.60 3.04 17.56
N ARG C 187 19.33 2.18 18.28
CA ARG C 187 20.06 1.07 17.70
C ARG C 187 19.68 -0.17 18.48
N ILE C 188 19.46 -1.31 17.80
CA ILE C 188 19.08 -2.56 18.46
C ILE C 188 20.02 -3.67 18.01
N GLN C 189 20.59 -4.43 18.96
CA GLN C 189 21.32 -5.64 18.63
C GLN C 189 20.37 -6.81 18.83
N LEU C 190 20.01 -7.49 17.74
CA LEU C 190 19.25 -8.74 17.79
C LEU C 190 20.25 -9.88 17.90
N PHE C 191 19.95 -10.93 18.68
CA PHE C 191 20.86 -12.06 18.81
C PHE C 191 20.07 -13.37 18.84
N SER C 192 20.48 -14.32 17.96
CA SER C 192 19.98 -15.69 18.00
C SER C 192 21.03 -16.54 18.70
N LYS C 193 20.64 -17.19 19.80
CA LYS C 193 21.56 -17.97 20.60
C LYS C 193 21.89 -19.28 19.88
N GLN C 194 20.84 -19.95 19.39
CA GLN C 194 20.98 -21.24 18.71
C GLN C 194 21.93 -21.12 17.52
N ARG C 195 21.83 -20.02 16.77
CA ARG C 195 22.72 -19.78 15.64
C ARG C 195 24.01 -19.07 16.05
N ASN C 196 24.00 -18.41 17.21
CA ASN C 196 25.14 -17.65 17.72
C ASN C 196 25.52 -16.55 16.72
N ILE C 197 24.52 -15.79 16.25
CA ILE C 197 24.71 -14.68 15.32
C ILE C 197 23.95 -13.46 15.86
N SER C 198 24.56 -12.27 15.74
CA SER C 198 23.94 -11.01 16.11
CA SER C 198 23.89 -11.02 16.10
C SER C 198 23.79 -10.09 14.89
N GLN C 199 22.63 -9.41 14.77
CA GLN C 199 22.38 -8.46 13.68
C GLN C 199 21.99 -7.11 14.27
N ALA C 200 22.56 -6.02 13.71
CA ALA C 200 22.24 -4.67 14.16
C ALA C 200 21.14 -4.09 13.28
N ILE C 201 20.08 -3.58 13.90
CA ILE C 201 19.00 -2.90 13.21
C ILE C 201 18.76 -1.53 13.85
N ASP C 202 17.93 -0.69 13.21
CA ASP C 202 17.57 0.60 13.79
C ASP C 202 16.28 0.41 14.60
N GLY C 203 16.19 1.04 15.77
CA GLY C 203 14.95 0.96 16.54
C GLY C 203 15.12 1.52 17.95
N HIS C 204 14.01 2.01 18.51
CA HIS C 204 13.99 2.57 19.85
C HIS C 204 13.32 1.62 20.85
N VAL C 205 12.42 0.75 20.37
CA VAL C 205 11.68 -0.18 21.21
C VAL C 205 11.64 -1.56 20.55
N ALA C 206 11.48 -2.61 21.37
CA ALA C 206 11.56 -3.99 20.92
C ALA C 206 10.85 -4.93 21.91
N ILE C 207 10.19 -5.97 21.38
CA ILE C 207 9.56 -7.00 22.20
C ILE C 207 9.37 -8.25 21.32
N PHE C 208 9.48 -9.43 21.94
CA PHE C 208 9.18 -10.69 21.29
C PHE C 208 7.80 -11.16 21.78
N THR C 209 6.97 -11.73 20.88
CA THR C 209 5.64 -12.19 21.26
C THR C 209 5.26 -13.38 20.37
N ASN C 210 4.02 -13.83 20.46
CA ASN C 210 3.54 -15.03 19.76
C ASN C 210 2.10 -14.78 19.29
N ILE C 211 1.70 -15.43 18.19
CA ILE C 211 0.40 -15.21 17.56
C ILE C 211 -0.12 -16.54 16.99
N LEU C 212 -1.38 -16.88 17.30
CA LEU C 212 -2.03 -18.06 16.75
C LEU C 212 -2.75 -17.66 15.46
N LEU C 213 -2.28 -18.21 14.32
CA LEU C 213 -2.81 -17.89 13.00
C LEU C 213 -3.67 -19.04 12.48
N GLU C 214 -4.90 -18.73 12.04
CA GLU C 214 -5.82 -19.71 11.46
C GLU C 214 -5.10 -20.76 10.60
N GLY C 215 -5.41 -22.05 10.85
CA GLY C 215 -4.79 -23.16 10.15
C GLY C 215 -3.79 -23.92 11.01
N ASN C 216 -3.19 -23.25 12.01
CA ASN C 216 -2.15 -23.84 12.86
C ASN C 216 -2.76 -24.35 14.17
N GLY C 217 -4.10 -24.41 14.25
CA GLY C 217 -4.78 -25.07 15.35
C GLY C 217 -4.55 -24.35 16.68
N SER C 218 -3.90 -25.05 17.63
CA SER C 218 -3.64 -24.51 18.96
C SER C 218 -2.24 -23.91 19.04
N THR C 219 -1.43 -24.08 17.98
CA THR C 219 -0.01 -23.77 18.02
C THR C 219 0.19 -22.32 17.59
N PRO C 220 1.04 -21.54 18.29
CA PRO C 220 1.40 -20.19 17.86
C PRO C 220 2.71 -20.12 17.09
N VAL C 221 2.96 -18.99 16.43
CA VAL C 221 4.23 -18.69 15.79
C VAL C 221 4.82 -17.48 16.53
N GLN C 222 6.14 -17.28 16.41
CA GLN C 222 6.82 -16.20 17.12
C GLN C 222 7.03 -14.99 16.20
N VAL C 223 6.89 -13.77 16.74
CA VAL C 223 7.13 -12.54 16.00
C VAL C 223 7.89 -11.54 16.88
N PHE C 224 8.76 -10.74 16.24
CA PHE C 224 9.49 -9.64 16.86
C PHE C 224 8.87 -8.33 16.42
N VAL C 225 8.46 -7.52 17.40
CA VAL C 225 7.83 -6.22 17.18
C VAL C 225 8.83 -5.13 17.56
N THR C 226 9.06 -4.16 16.67
CA THR C 226 10.03 -3.10 16.92
C THR C 226 9.48 -1.79 16.35
N GLY C 227 9.87 -0.67 16.99
CA GLY C 227 9.41 0.65 16.58
C GLY C 227 10.62 1.57 16.49
N ASN C 228 10.64 2.43 15.46
CA ASN C 228 11.78 3.27 15.16
C ASN C 228 11.31 4.63 14.71
N ARG C 229 12.06 5.68 15.05
CA ARG C 229 11.88 6.98 14.44
C ARG C 229 13.21 7.36 13.80
N ASN C 230 13.18 7.60 12.49
CA ASN C 230 14.40 7.89 11.72
C ASN C 230 14.88 9.28 12.13
N ALA C 231 16.14 9.38 12.60
CA ALA C 231 16.71 10.62 13.08
C ALA C 231 16.87 11.68 11.99
N THR C 232 16.93 11.24 10.71
CA THR C 232 17.14 12.15 9.60
C THR C 232 15.79 12.63 9.04
N THR C 233 14.90 11.70 8.71
CA THR C 233 13.64 12.02 8.03
C THR C 233 12.59 12.40 9.06
N GLY C 234 12.71 11.85 10.28
CA GLY C 234 11.69 12.06 11.30
C GLY C 234 10.55 11.05 11.18
N ALA C 235 10.63 10.16 10.18
CA ALA C 235 9.54 9.22 9.93
C ALA C 235 9.57 8.07 10.94
N GLY C 236 8.39 7.75 11.47
CA GLY C 236 8.26 6.68 12.43
C GLY C 236 7.73 5.42 11.74
N GLU C 237 8.22 4.25 12.17
CA GLU C 237 7.81 2.99 11.58
C GLU C 237 7.77 1.86 12.60
N LEU C 238 6.66 1.12 12.60
CA LEU C 238 6.50 -0.10 13.37
C LEU C 238 6.69 -1.26 12.40
N ARG C 239 7.44 -2.30 12.81
CA ARG C 239 7.62 -3.49 11.99
C ARG C 239 7.37 -4.72 12.85
N ILE C 240 6.71 -5.74 12.27
CA ILE C 240 6.48 -7.02 12.91
C ILE C 240 6.96 -8.08 11.94
N ILE C 241 7.85 -8.98 12.38
CA ILE C 241 8.48 -9.97 11.49
C ILE C 241 8.66 -11.29 12.23
N GLU C 242 8.34 -12.43 11.56
CA GLU C 242 8.34 -13.74 12.19
C GLU C 242 9.79 -14.14 12.47
N ILE C 243 10.00 -14.96 13.51
CA ILE C 243 11.29 -15.58 13.79
C ILE C 243 11.05 -17.09 13.89
N ASP C 244 12.00 -17.88 13.38
CA ASP C 244 12.03 -19.33 13.61
C ASP C 244 10.70 -20.00 13.23
N HIS C 245 10.25 -19.84 11.98
CA HIS C 245 9.03 -20.48 11.52
C HIS C 245 9.22 -22.01 11.48
N ASP C 246 8.24 -22.73 12.02
CA ASP C 246 8.29 -24.17 12.26
C ASP C 246 8.16 -25.06 11.01
N ALA C 247 7.17 -24.78 10.14
CA ALA C 247 6.89 -25.53 8.92
C ALA C 247 6.09 -26.79 9.25
N PRO C 250 2.09 -24.61 8.17
CA PRO C 250 1.46 -24.19 6.87
C PRO C 250 1.36 -22.66 6.73
N SER C 251 0.99 -21.97 7.82
CA SER C 251 0.77 -20.53 7.80
C SER C 251 1.99 -19.79 8.31
N GLN C 252 2.47 -18.83 7.49
CA GLN C 252 3.59 -17.97 7.86
C GLN C 252 3.11 -16.55 8.12
N TYR C 253 3.55 -15.94 9.22
CA TYR C 253 3.27 -14.54 9.47
C TYR C 253 4.04 -13.69 8.46
N GLN C 254 3.32 -12.95 7.60
CA GLN C 254 3.94 -12.07 6.62
C GLN C 254 4.35 -10.75 7.28
N LYS C 255 5.57 -10.29 6.99
CA LYS C 255 6.12 -9.07 7.58
C LYS C 255 5.16 -7.90 7.37
N GLU C 256 4.98 -7.10 8.42
CA GLU C 256 4.10 -5.94 8.41
C GLU C 256 4.93 -4.69 8.76
N THR C 257 4.63 -3.57 8.11
CA THR C 257 5.24 -2.29 8.37
C THR C 257 4.13 -1.24 8.42
N THR C 258 4.08 -0.44 9.49
CA THR C 258 3.03 0.54 9.68
C THR C 258 3.64 1.83 10.19
N ASP C 259 3.08 2.98 9.82
CA ASP C 259 3.58 4.27 10.25
C ASP C 259 3.37 4.48 11.75
N ILE C 260 4.30 5.22 12.38
CA ILE C 260 4.12 5.74 13.72
C ILE C 260 3.99 7.24 13.56
N PHE C 261 2.79 7.75 13.85
CA PHE C 261 2.50 9.17 13.69
C PHE C 261 3.27 9.99 14.72
N PHE C 262 3.76 11.14 14.29
CA PHE C 262 4.37 12.14 15.17
C PHE C 262 3.80 13.46 14.70
N PRO C 263 3.32 14.34 15.61
CA PRO C 263 2.85 15.67 15.21
C PRO C 263 4.03 16.54 14.81
N PRO C 264 3.78 17.67 14.11
CA PRO C 264 4.87 18.50 13.62
C PRO C 264 5.73 19.13 14.73
N ASP C 265 5.16 19.26 15.94
CA ASP C 265 5.86 19.97 17.02
C ASP C 265 6.49 19.02 18.02
N ALA C 266 6.73 17.76 17.64
CA ALA C 266 7.29 16.76 18.56
C ALA C 266 8.61 16.25 17.99
N THR C 267 9.46 17.19 17.54
CA THR C 267 10.72 16.86 16.87
C THR C 267 11.55 15.87 17.68
N ASN C 268 11.63 16.09 19.00
CA ASN C 268 12.50 15.28 19.84
C ASN C 268 11.76 14.13 20.54
N ASP C 269 10.52 13.84 20.13
CA ASP C 269 9.82 12.66 20.64
C ASP C 269 10.32 11.41 19.93
N PHE C 270 10.18 10.24 20.59
CA PHE C 270 10.52 8.95 20.02
C PHE C 270 9.76 7.85 20.77
N PRO C 271 9.61 6.62 20.22
CA PRO C 271 9.03 5.51 20.96
C PRO C 271 9.84 5.20 22.21
N ILE C 272 9.16 5.11 23.36
CA ILE C 272 9.82 4.83 24.63
C ILE C 272 9.48 3.43 25.13
N ALA C 273 8.36 2.86 24.69
CA ALA C 273 7.96 1.54 25.16
C ALA C 273 7.06 0.84 24.13
N VAL C 274 7.12 -0.50 24.16
CA VAL C 274 6.22 -1.32 23.37
C VAL C 274 5.85 -2.54 24.21
N GLN C 275 4.55 -2.80 24.35
CA GLN C 275 4.04 -3.95 25.07
C GLN C 275 2.99 -4.63 24.18
N VAL C 276 2.74 -5.92 24.41
CA VAL C 276 1.78 -6.65 23.58
C VAL C 276 0.87 -7.54 24.43
N SER C 277 -0.43 -7.52 24.15
CA SER C 277 -1.38 -8.50 24.65
C SER C 277 -1.41 -9.70 23.70
N GLU C 278 -0.82 -10.81 24.14
CA GLU C 278 -0.80 -12.04 23.35
C GLU C 278 -2.23 -12.54 23.13
N LYS C 279 -3.05 -12.52 24.19
CA LYS C 279 -4.40 -13.05 24.15
C LYS C 279 -5.21 -12.37 23.04
N TYR C 280 -5.16 -11.03 22.98
CA TYR C 280 -6.03 -10.26 22.11
C TYR C 280 -5.34 -9.79 20.83
N GLY C 281 -4.01 -9.98 20.75
CA GLY C 281 -3.23 -9.55 19.61
C GLY C 281 -3.27 -8.03 19.44
N ILE C 282 -2.90 -7.30 20.50
CA ILE C 282 -2.90 -5.84 20.50
C ILE C 282 -1.50 -5.35 20.88
N ILE C 283 -0.94 -4.43 20.08
CA ILE C 283 0.33 -3.79 20.35
C ILE C 283 0.05 -2.42 20.96
N TYR C 284 0.70 -2.13 22.10
CA TYR C 284 0.65 -0.83 22.73
C TYR C 284 2.03 -0.18 22.56
N LEU C 285 2.10 0.92 21.81
CA LEU C 285 3.33 1.67 21.63
C LEU C 285 3.18 3.05 22.26
N LEU C 286 4.11 3.41 23.15
CA LEU C 286 4.08 4.66 23.87
C LEU C 286 5.29 5.51 23.50
N THR C 287 5.12 6.83 23.35
CA THR C 287 6.22 7.73 23.06
C THR C 287 6.61 8.45 24.35
N LYS C 288 7.82 9.02 24.34
CA LYS C 288 8.33 9.78 25.47
C LYS C 288 7.38 10.92 25.85
N TYR C 289 6.74 11.56 24.85
CA TYR C 289 5.88 12.72 25.11
C TYR C 289 4.47 12.31 25.52
N GLY C 290 4.22 11.00 25.63
CA GLY C 290 2.99 10.49 26.25
C GLY C 290 1.93 10.07 25.23
N PHE C 291 2.29 9.94 23.93
CA PHE C 291 1.33 9.49 22.94
C PHE C 291 1.25 7.96 22.98
N ILE C 292 0.03 7.43 22.99
CA ILE C 292 -0.23 5.99 22.93
C ILE C 292 -0.75 5.64 21.55
N HIS C 293 -0.21 4.57 20.97
CA HIS C 293 -0.56 4.09 19.64
C HIS C 293 -0.91 2.62 19.77
N LEU C 294 -2.13 2.26 19.37
CA LEU C 294 -2.59 0.88 19.44
C LEU C 294 -2.62 0.32 18.03
N TYR C 295 -2.07 -0.90 17.86
CA TYR C 295 -2.07 -1.59 16.58
C TYR C 295 -2.58 -3.02 16.78
N GLU C 296 -3.20 -3.59 15.75
CA GLU C 296 -3.60 -4.99 15.75
C GLU C 296 -2.39 -5.79 15.30
N LEU C 297 -2.06 -6.88 16.00
CA LEU C 297 -0.79 -7.58 15.81
C LEU C 297 -0.73 -8.33 14.48
N GLU C 298 -1.83 -8.98 14.06
CA GLU C 298 -1.80 -9.81 12.86
C GLU C 298 -1.58 -8.98 11.60
N THR C 299 -2.24 -7.80 11.52
CA THR C 299 -2.26 -6.95 10.34
C THR C 299 -1.32 -5.77 10.48
N GLY C 300 -0.93 -5.43 11.71
CA GLY C 300 -0.18 -4.21 11.96
C GLY C 300 -1.04 -2.95 11.84
N THR C 301 -2.37 -3.11 11.70
CA THR C 301 -3.26 -1.99 11.44
C THR C 301 -3.33 -1.08 12.67
N ASN C 302 -3.16 0.24 12.48
CA ASN C 302 -3.32 1.18 13.57
C ASN C 302 -4.80 1.30 13.92
N LEU C 303 -5.14 1.19 15.21
CA LEU C 303 -6.51 1.31 15.69
C LEU C 303 -6.80 2.75 16.11
N PHE C 304 -5.86 3.38 16.83
CA PHE C 304 -5.96 4.79 17.16
C PHE C 304 -4.62 5.31 17.67
N VAL C 305 -4.52 6.65 17.72
CA VAL C 305 -3.41 7.36 18.38
C VAL C 305 -4.05 8.40 19.29
N ASN C 306 -3.60 8.45 20.55
CA ASN C 306 -4.12 9.44 21.50
C ASN C 306 -2.96 9.77 22.43
N ARG C 307 -3.20 10.62 23.42
CA ARG C 307 -2.16 11.01 24.34
C ARG C 307 -2.66 10.74 25.76
N ILE C 308 -1.93 9.90 26.52
CA ILE C 308 -2.22 9.46 27.87
C ILE C 308 -1.87 10.53 28.90
N THR C 309 -0.85 11.34 28.60
CA THR C 309 -0.30 12.31 29.54
C THR C 309 0.48 13.34 28.72
N ALA C 310 0.58 14.56 29.27
CA ALA C 310 1.40 15.60 28.66
C ALA C 310 2.77 15.70 29.34
N GLU C 311 2.94 14.98 30.47
CA GLU C 311 4.21 14.92 31.16
C GLU C 311 5.02 13.77 30.57
N SER C 312 6.33 13.98 30.38
CA SER C 312 7.15 13.00 29.69
C SER C 312 7.17 11.69 30.46
N VAL C 313 7.12 10.57 29.71
CA VAL C 313 7.23 9.23 30.26
C VAL C 313 8.71 8.84 30.25
N PHE C 314 9.16 8.12 31.27
CA PHE C 314 10.56 7.67 31.32
C PHE C 314 10.67 6.16 31.49
N THR C 315 9.59 5.44 31.84
CA THR C 315 9.65 3.99 31.94
C THR C 315 8.23 3.42 31.80
N ALA C 316 8.17 2.14 31.45
CA ALA C 316 6.89 1.46 31.25
C ALA C 316 7.07 -0.04 31.50
N ALA C 317 5.95 -0.76 31.59
CA ALA C 317 5.97 -2.18 31.84
C ALA C 317 4.65 -2.80 31.39
N PRO C 318 4.54 -4.16 31.32
CA PRO C 318 3.26 -4.78 31.03
C PRO C 318 2.28 -4.50 32.16
N TYR C 319 0.98 -4.53 31.87
CA TYR C 319 -0.05 -4.26 32.87
C TYR C 319 -1.16 -5.30 32.79
N ASN C 320 -1.65 -5.76 33.96
CA ASN C 320 -2.83 -6.61 34.10
C ASN C 320 -2.67 -7.91 33.30
N HIS C 321 -1.85 -8.82 33.83
CA HIS C 321 -1.60 -10.11 33.19
C HIS C 321 -1.16 -9.89 31.75
N GLU C 322 -0.28 -8.91 31.56
CA GLU C 322 0.35 -8.59 30.28
C GLU C 322 -0.69 -8.34 29.18
N ASN C 323 -1.86 -7.79 29.54
CA ASN C 323 -2.90 -7.48 28.56
C ASN C 323 -2.87 -6.01 28.18
N GLY C 324 -2.12 -5.18 28.91
CA GLY C 324 -2.10 -3.75 28.69
C GLY C 324 -0.71 -3.17 28.94
N ILE C 325 -0.64 -1.86 29.13
CA ILE C 325 0.62 -1.17 29.32
C ILE C 325 0.48 -0.23 30.51
N ALA C 326 1.54 -0.10 31.32
CA ALA C 326 1.59 0.91 32.37
C ALA C 326 2.88 1.69 32.20
N CYS C 327 2.87 2.97 32.63
CA CYS C 327 4.03 3.84 32.45
C CYS C 327 4.12 4.78 33.65
N ILE C 328 5.29 5.42 33.80
CA ILE C 328 5.53 6.41 34.84
C ILE C 328 5.97 7.72 34.16
N ASN C 329 5.33 8.84 34.52
CA ASN C 329 5.66 10.15 33.96
C ASN C 329 6.50 10.94 34.97
N LYS C 330 6.98 12.12 34.56
CA LYS C 330 7.89 12.93 35.37
C LYS C 330 7.25 13.52 36.63
N LYS C 331 5.93 13.44 36.74
CA LYS C 331 5.19 13.90 37.91
C LYS C 331 4.86 12.75 38.85
N GLY C 332 5.31 11.53 38.52
CA GLY C 332 5.15 10.40 39.42
C GLY C 332 3.79 9.71 39.27
N GLN C 333 3.05 10.04 38.20
CA GLN C 333 1.83 9.31 37.90
C GLN C 333 2.18 7.99 37.25
N VAL C 334 1.67 6.88 37.84
CA VAL C 334 1.78 5.57 37.23
C VAL C 334 0.44 5.32 36.53
N LEU C 335 0.44 5.45 35.20
CA LEU C 335 -0.76 5.44 34.38
C LEU C 335 -0.81 4.14 33.59
N ALA C 336 -2.01 3.57 33.44
CA ALA C 336 -2.18 2.25 32.84
C ALA C 336 -3.32 2.28 31.81
N VAL C 337 -3.12 1.55 30.71
CA VAL C 337 -4.07 1.51 29.60
C VAL C 337 -4.20 0.04 29.20
N GLU C 338 -5.43 -0.41 28.94
CA GLU C 338 -5.63 -1.72 28.31
C GLU C 338 -6.92 -1.66 27.51
N ILE C 339 -7.06 -2.51 26.50
CA ILE C 339 -8.25 -2.54 25.66
C ILE C 339 -9.49 -2.87 26.51
N SER C 340 -10.64 -2.30 26.15
CA SER C 340 -11.93 -2.70 26.70
C SER C 340 -12.45 -3.86 25.84
N THR C 341 -12.59 -5.04 26.45
CA THR C 341 -13.05 -6.23 25.78
C THR C 341 -14.48 -6.08 25.24
N SER C 342 -15.26 -5.15 25.83
CA SER C 342 -16.66 -4.95 25.47
C SER C 342 -16.83 -3.87 24.40
N GLN C 343 -15.83 -3.02 24.16
CA GLN C 343 -15.95 -1.89 23.25
C GLN C 343 -15.05 -1.99 22.00
N ILE C 344 -14.03 -2.86 22.02
CA ILE C 344 -13.00 -2.87 20.97
C ILE C 344 -13.61 -3.28 19.63
N VAL C 345 -14.35 -4.41 19.58
CA VAL C 345 -14.89 -4.89 18.32
C VAL C 345 -15.92 -3.89 17.79
N PRO C 346 -16.90 -3.41 18.58
CA PRO C 346 -17.77 -2.32 18.15
C PRO C 346 -17.05 -1.10 17.57
N TYR C 347 -15.93 -0.68 18.19
CA TYR C 347 -15.19 0.49 17.74
C TYR C 347 -14.66 0.25 16.33
N ILE C 348 -14.03 -0.92 16.13
CA ILE C 348 -13.46 -1.28 14.84
C ILE C 348 -14.56 -1.37 13.79
N LEU C 349 -15.74 -1.88 14.18
CA LEU C 349 -16.88 -2.07 13.30
C LEU C 349 -17.53 -0.73 12.90
N ASN C 350 -17.66 0.22 13.84
CA ASN C 350 -18.49 1.40 13.64
C ASN C 350 -17.66 2.66 13.42
N LYS C 351 -16.62 2.88 14.23
CA LYS C 351 -15.78 4.07 14.10
C LYS C 351 -14.77 3.93 12.96
N LEU C 352 -14.10 2.77 12.86
CA LEU C 352 -13.15 2.49 11.79
C LEU C 352 -13.86 1.90 10.57
N SER C 353 -15.08 1.38 10.75
CA SER C 353 -15.82 0.75 9.66
C SER C 353 -14.96 -0.29 8.93
N ASN C 354 -14.35 -1.18 9.71
CA ASN C 354 -13.43 -2.18 9.21
C ASN C 354 -13.92 -3.58 9.62
N VAL C 355 -14.66 -4.26 8.75
CA VAL C 355 -15.35 -5.49 9.10
C VAL C 355 -14.35 -6.64 9.21
N ALA C 356 -13.41 -6.72 8.25
CA ALA C 356 -12.41 -7.77 8.28
C ALA C 356 -11.59 -7.74 9.58
N LEU C 357 -11.11 -6.54 9.97
CA LEU C 357 -10.28 -6.38 11.14
C LEU C 357 -11.08 -6.70 12.40
N ALA C 358 -12.33 -6.22 12.47
CA ALA C 358 -13.20 -6.51 13.60
C ALA C 358 -13.34 -8.02 13.79
N LEU C 359 -13.44 -8.76 12.69
CA LEU C 359 -13.56 -10.21 12.75
C LEU C 359 -12.27 -10.85 13.26
N ILE C 360 -11.11 -10.36 12.77
CA ILE C 360 -9.82 -10.86 13.24
C ILE C 360 -9.73 -10.72 14.75
N VAL C 361 -10.11 -9.56 15.28
CA VAL C 361 -9.97 -9.27 16.70
C VAL C 361 -10.93 -10.15 17.51
N ALA C 362 -12.21 -10.18 17.09
CA ALA C 362 -13.24 -10.93 17.80
C ALA C 362 -12.92 -12.42 17.84
N THR C 363 -12.42 -12.97 16.72
CA THR C 363 -12.06 -14.37 16.62
C THR C 363 -10.87 -14.66 17.54
N ARG C 364 -9.86 -13.80 17.54
CA ARG C 364 -8.67 -13.98 18.36
C ARG C 364 -9.02 -14.06 19.84
N GLY C 365 -9.90 -13.16 20.30
CA GLY C 365 -10.50 -13.24 21.63
C GLY C 365 -11.94 -13.75 21.57
N GLY C 366 -12.90 -12.98 22.10
CA GLY C 366 -14.32 -13.31 22.03
C GLY C 366 -15.13 -12.21 21.34
N GLY D 1 -31.41 -15.30 -18.39
CA GLY D 1 -30.17 -16.09 -18.55
C GLY D 1 -29.19 -15.76 -17.43
N VAL D 2 -28.36 -16.77 -17.11
CA VAL D 2 -27.30 -16.66 -16.10
C VAL D 2 -25.95 -16.74 -16.78
N SER D 3 -25.08 -15.78 -16.45
CA SER D 3 -23.68 -15.83 -16.86
C SER D 3 -22.85 -16.18 -15.62
N LEU D 4 -21.63 -16.69 -15.86
CA LEU D 4 -20.67 -16.92 -14.79
C LEU D 4 -20.15 -15.59 -14.28
N ILE D 5 -19.81 -14.69 -15.22
CA ILE D 5 -19.14 -13.46 -14.85
C ILE D 5 -19.46 -12.38 -15.87
N ASP D 6 -19.15 -11.15 -15.49
CA ASP D 6 -19.42 -9.98 -16.28
C ASP D 6 -18.39 -9.83 -17.43
N LEU D 7 -18.42 -10.72 -18.43
CA LEU D 7 -17.72 -10.56 -19.70
C LEU D 7 -18.69 -10.70 -20.89
N GLY E 1 3.75 -55.21 -25.60
CA GLY E 1 2.69 -54.20 -25.48
C GLY E 1 2.56 -53.41 -26.77
N VAL E 2 1.44 -52.71 -26.94
CA VAL E 2 1.25 -51.80 -28.07
C VAL E 2 2.08 -50.54 -27.81
N SER E 3 2.77 -50.03 -28.84
CA SER E 3 3.42 -48.73 -28.73
C SER E 3 3.23 -47.95 -30.03
N LEU E 4 2.82 -46.68 -29.90
CA LEU E 4 2.72 -45.73 -31.01
C LEU E 4 4.07 -45.08 -31.34
N ILE E 5 5.13 -45.42 -30.60
CA ILE E 5 6.43 -44.78 -30.77
C ILE E 5 7.56 -45.80 -30.60
N ASP E 6 8.67 -45.57 -31.30
CA ASP E 6 9.85 -46.41 -31.27
C ASP E 6 10.72 -46.00 -30.08
N LEU E 7 10.55 -46.68 -28.94
CA LEU E 7 11.27 -46.38 -27.72
C LEU E 7 12.63 -47.12 -27.67
N GLY F 1 -8.51 -30.41 -43.48
CA GLY F 1 -8.67 -28.99 -43.85
C GLY F 1 -7.40 -28.21 -43.51
N VAL F 2 -7.16 -27.12 -44.22
CA VAL F 2 -6.01 -26.26 -43.96
C VAL F 2 -6.19 -25.64 -42.57
N SER F 3 -5.08 -25.44 -41.83
CA SER F 3 -5.07 -24.85 -40.49
C SER F 3 -5.15 -23.34 -40.60
N LEU F 4 -6.21 -22.76 -40.00
CA LEU F 4 -6.45 -21.33 -40.12
C LEU F 4 -5.30 -20.54 -39.53
N ILE F 5 -4.79 -21.02 -38.39
CA ILE F 5 -3.83 -20.26 -37.62
C ILE F 5 -2.54 -20.07 -38.43
N ASP F 6 -2.30 -20.94 -39.43
CA ASP F 6 -1.08 -20.95 -40.24
C ASP F 6 -1.23 -20.15 -41.52
N LEU F 7 -2.41 -19.58 -41.76
CA LEU F 7 -2.66 -18.87 -43.00
C LEU F 7 -1.70 -17.66 -43.15
N GLY G 1 27.03 9.48 30.89
CA GLY G 1 26.95 10.89 31.35
C GLY G 1 25.50 11.27 31.64
N VAL G 2 24.93 12.12 30.76
CA VAL G 2 23.55 12.56 30.83
C VAL G 2 22.62 11.42 30.38
N SER G 3 21.48 11.24 31.06
CA SER G 3 20.48 10.30 30.58
C SER G 3 19.67 10.94 29.47
N LEU G 4 19.71 10.34 28.28
CA LEU G 4 18.99 10.86 27.13
C LEU G 4 17.48 10.60 27.27
N ILE G 5 17.08 9.49 27.94
CA ILE G 5 15.65 9.26 28.18
C ILE G 5 15.04 10.40 28.98
N ASP G 6 15.81 10.99 29.91
CA ASP G 6 15.29 11.96 30.86
C ASP G 6 15.40 13.39 30.34
N LEU G 7 16.13 13.59 29.24
CA LEU G 7 16.37 14.93 28.71
C LEU G 7 15.05 15.71 28.56
N GLY H 1 29.77 -8.29 57.48
CA GLY H 1 30.24 -7.97 56.13
C GLY H 1 29.35 -6.92 55.48
N VAL H 2 29.51 -6.78 54.17
CA VAL H 2 28.78 -5.78 53.41
C VAL H 2 27.47 -6.38 52.91
N SER H 3 26.35 -5.70 53.24
CA SER H 3 25.07 -5.99 52.65
C SER H 3 24.64 -4.73 51.91
N LEU H 4 24.29 -4.86 50.62
CA LEU H 4 23.99 -3.70 49.79
C LEU H 4 22.61 -3.11 50.07
N ILE H 5 21.77 -3.81 50.85
CA ILE H 5 20.51 -3.26 51.34
C ILE H 5 20.35 -3.76 52.77
N ASP H 6 19.75 -2.92 53.62
CA ASP H 6 19.55 -3.22 55.04
C ASP H 6 18.19 -3.90 55.22
N LEU H 7 18.18 -5.22 55.43
CA LEU H 7 16.93 -5.97 55.48
C LEU H 7 16.53 -6.27 56.95
N GLY I 1 -19.59 48.58 19.94
CA GLY I 1 -19.15 47.66 18.87
C GLY I 1 -18.19 46.58 19.41
N VAL I 2 -18.60 45.31 19.29
CA VAL I 2 -17.76 44.17 19.65
C VAL I 2 -16.73 43.93 18.54
N SER I 3 -15.49 43.58 18.91
CA SER I 3 -14.47 43.23 17.92
C SER I 3 -13.77 41.95 18.35
N LEU I 4 -13.78 40.93 17.47
CA LEU I 4 -13.11 39.68 17.78
C LEU I 4 -11.63 39.76 17.39
N ILE I 5 -11.21 40.86 16.74
CA ILE I 5 -9.82 41.03 16.35
C ILE I 5 -9.41 42.49 16.57
N ASP I 6 -8.14 42.69 16.97
CA ASP I 6 -7.58 44.00 17.24
C ASP I 6 -7.08 44.61 15.94
N LEU I 7 -7.91 45.46 15.32
CA LEU I 7 -7.54 46.13 14.09
C LEU I 7 -6.36 47.08 14.37
N SER J 3 -8.54 14.92 13.44
CA SER J 3 -8.49 15.26 12.00
C SER J 3 -7.82 14.13 11.22
N LEU J 4 -8.61 13.49 10.34
CA LEU J 4 -8.07 12.50 9.43
C LEU J 4 -7.06 13.17 8.52
N ILE J 5 -7.27 14.44 8.17
CA ILE J 5 -6.31 15.18 7.35
C ILE J 5 -4.95 15.14 8.03
N ASP J 6 -4.95 15.33 9.35
CA ASP J 6 -3.70 15.52 10.09
C ASP J 6 -3.01 14.21 10.45
N LEU J 7 -3.67 13.05 10.27
CA LEU J 7 -3.09 11.82 10.78
C LEU J 7 -1.85 11.42 9.96
N GLY K 1 -25.10 4.81 -14.11
CA GLY K 1 -26.19 5.70 -14.57
C GLY K 1 -27.48 5.42 -13.82
N VAL K 2 -27.37 4.84 -12.62
CA VAL K 2 -28.54 4.49 -11.80
C VAL K 2 -29.14 5.72 -11.12
N SER K 3 -28.33 6.78 -10.89
CA SER K 3 -28.80 8.02 -10.27
C SER K 3 -29.03 9.10 -11.34
N LEU K 4 -29.48 10.30 -10.93
CA LEU K 4 -29.87 11.33 -11.88
C LEU K 4 -28.65 11.82 -12.67
N ILE K 5 -27.59 12.19 -11.96
CA ILE K 5 -26.35 12.64 -12.60
C ILE K 5 -25.43 11.46 -12.73
N ASP K 6 -24.65 11.49 -13.81
CA ASP K 6 -23.88 10.32 -14.22
C ASP K 6 -22.52 10.26 -13.50
N LEU K 7 -22.59 10.18 -12.16
CA LEU K 7 -21.44 9.92 -11.30
C LEU K 7 -21.92 9.02 -10.14
N SER L 3 21.87 -12.11 6.21
CA SER L 3 21.52 -11.50 7.52
C SER L 3 20.88 -12.56 8.40
N LEU L 4 20.35 -12.13 9.55
CA LEU L 4 19.66 -12.99 10.49
C LEU L 4 18.15 -12.88 10.28
N ILE L 5 17.68 -11.67 9.90
CA ILE L 5 16.27 -11.33 9.80
C ILE L 5 16.17 -10.21 8.78
N ASP L 6 15.00 -10.08 8.11
CA ASP L 6 14.80 -9.03 7.11
C ASP L 6 14.37 -7.72 7.79
N LEU L 7 15.30 -7.04 8.49
CA LEU L 7 15.04 -5.77 9.14
C LEU L 7 16.24 -4.85 8.90
C1 GOL M . -1.35 -20.08 -27.80
O1 GOL M . -0.29 -20.19 -26.84
C2 GOL M . -0.94 -20.58 -29.16
O2 GOL M . -0.35 -21.89 -29.09
C3 GOL M . -2.12 -20.66 -30.11
O3 GOL M . -3.13 -19.69 -29.80
H11 GOL M . -1.62 -19.14 -27.87
H12 GOL M . -2.12 -20.60 -27.48
HO1 GOL M . -0.58 -19.90 -26.10
H2 GOL M . -0.28 -19.96 -29.54
HO2 GOL M . -0.91 -22.42 -28.76
H31 GOL M . -2.52 -21.56 -30.06
H32 GOL M . -1.81 -20.52 -31.03
HO3 GOL M . -3.76 -19.78 -30.36
C1 GOL N . 13.25 -12.15 -35.30
O1 GOL N . 12.66 -12.53 -36.53
C2 GOL N . 14.60 -11.50 -35.49
O2 GOL N . 15.47 -12.35 -36.25
C3 GOL N . 15.28 -11.05 -34.21
O3 GOL N . 16.52 -10.40 -34.49
H11 GOL N . 13.35 -12.96 -34.73
H12 GOL N . 12.65 -11.52 -34.83
HO1 GOL N . 11.89 -12.89 -36.37
H2 GOL N . 14.45 -10.69 -36.04
HO2 GOL N . 15.10 -12.50 -37.00
H31 GOL N . 15.44 -11.83 -33.62
H32 GOL N . 14.68 -10.42 -33.74
HO3 GOL N . 16.86 -10.15 -33.75
C1 GOL O . -8.31 19.63 1.56
O1 GOL O . -9.03 18.61 0.86
C2 GOL O . -8.53 21.00 0.95
O2 GOL O . -7.74 21.99 1.65
C3 GOL O . -8.27 21.08 -0.53
O3 GOL O . -6.88 21.09 -0.81
H11 GOL O . -7.35 19.43 1.54
H12 GOL O . -8.61 19.64 2.50
HO1 GOL O . -8.87 17.87 1.25
H2 GOL O . -9.49 21.24 1.09
HO2 GOL O . -6.93 21.76 1.55
H31 GOL O . -8.69 21.89 -0.90
H32 GOL O . -8.68 20.29 -0.98
HO3 GOL O . -6.79 21.13 -1.66
P PO4 P . -21.57 44.15 16.82
O1 PO4 P . -20.65 45.06 17.55
O2 PO4 P . -21.95 43.00 17.72
O3 PO4 P . -22.82 44.88 16.42
O4 PO4 P . -20.92 43.63 15.57
#